data_3PNX
#
_entry.id   3PNX
#
_cell.length_a   100.416
_cell.length_b   76.504
_cell.length_c   127.652
_cell.angle_alpha   90.000
_cell.angle_beta   93.080
_cell.angle_gamma   90.000
#
_symmetry.space_group_name_H-M   'C 1 2 1'
#
loop_
_entity.id
_entity.type
_entity.pdbx_description
1 polymer 'Putative sulfurtransferase dsrE'
2 non-polymer 'CHLORIDE ION'
3 non-polymer 'SODIUM ION'
4 non-polymer GLYCEROL
5 water water
#
_entity_poly.entity_id   1
_entity_poly.type   'polypeptide(L)'
_entity_poly.pdbx_seq_one_letter_code
;G(MSE)ENKK(MSE)NLLLFSGDYDKALASLIIANAARE(MSE)EIEVTIFCAFWGLLLLRDPEKASQEDKSLYEQAFSS
LTPREAEELPLSK(MSE)NLGGIGKK(MSE)LLE(MSE)(MSE)KEEKAPKLSDLLSGARKKEVKFYA(OCS)QLSVEI
(MSE)GFKKEELFPEVQI(MSE)DVKEYLKNALESDLQLFI
;
_entity_poly.pdbx_strand_id   A,B,C,D,E,F
#
loop_
_chem_comp.id
_chem_comp.type
_chem_comp.name
_chem_comp.formula
CL non-polymer 'CHLORIDE ION' 'Cl -1'
GOL non-polymer GLYCEROL 'C3 H8 O3'
NA non-polymer 'SODIUM ION' 'Na 1'
#
# COMPACT_ATOMS: atom_id res chain seq x y z
N GLY A 1 -20.47 -39.72 -11.71
CA GLY A 1 -20.52 -38.27 -12.06
C GLY A 1 -20.64 -37.38 -10.83
N MSE A 2 -20.65 -36.07 -11.06
CA MSE A 2 -20.59 -35.08 -10.00
C MSE A 2 -21.99 -34.57 -9.61
O MSE A 2 -22.12 -33.75 -8.71
CB MSE A 2 -19.69 -33.89 -10.42
CG MSE A 2 -18.16 -34.15 -10.58
SE MSE A 2 -17.42 -35.54 -9.43
CE MSE A 2 -15.59 -35.63 -10.09
N GLU A 3 -23.05 -35.05 -10.24
CA GLU A 3 -24.39 -34.49 -10.05
C GLU A 3 -25.00 -34.57 -8.63
N ASN A 4 -24.50 -35.44 -7.77
CA ASN A 4 -24.97 -35.46 -6.38
C ASN A 4 -24.01 -34.82 -5.38
N LYS A 5 -22.93 -34.21 -5.87
CA LYS A 5 -21.93 -33.62 -5.00
C LYS A 5 -22.37 -32.28 -4.45
N LYS A 6 -21.71 -31.86 -3.38
CA LYS A 6 -22.00 -30.62 -2.70
C LYS A 6 -20.69 -29.87 -2.52
N MSE A 7 -20.71 -28.56 -2.79
CA MSE A 7 -19.53 -27.71 -2.56
C MSE A 7 -19.86 -26.55 -1.64
O MSE A 7 -20.93 -25.93 -1.75
CB MSE A 7 -18.99 -27.19 -3.90
CG MSE A 7 -17.81 -26.23 -3.78
SE MSE A 7 -17.19 -25.68 -5.56
CE MSE A 7 -18.66 -24.55 -6.04
N ASN A 8 -18.94 -26.23 -0.74
CA ASN A 8 -19.11 -25.14 0.20
C ASN A 8 -17.92 -24.19 0.07
N LEU A 9 -18.19 -22.92 -0.22
CA LEU A 9 -17.16 -21.88 -0.26
C LEU A 9 -17.41 -20.92 0.88
N LEU A 10 -16.36 -20.65 1.65
CA LEU A 10 -16.43 -19.55 2.64
C LEU A 10 -15.73 -18.38 1.96
N LEU A 11 -16.51 -17.40 1.54
CA LEU A 11 -15.96 -16.21 0.94
C LEU A 11 -15.72 -15.18 2.04
N PHE A 12 -14.46 -15.05 2.45
CA PHE A 12 -14.03 -14.09 3.45
C PHE A 12 -13.57 -12.80 2.77
N SER A 13 -12.91 -12.95 1.62
CA SER A 13 -12.32 -11.83 0.93
C SER A 13 -13.39 -10.96 0.26
N GLY A 14 -13.15 -9.66 0.22
CA GLY A 14 -14.03 -8.74 -0.49
C GLY A 14 -13.30 -8.15 -1.67
N ASP A 15 -12.44 -8.95 -2.29
CA ASP A 15 -11.67 -8.51 -3.45
C ASP A 15 -12.38 -8.96 -4.74
N TYR A 16 -12.41 -8.05 -5.71
CA TYR A 16 -13.10 -8.32 -6.98
C TYR A 16 -12.63 -9.61 -7.62
N ASP A 17 -11.31 -9.79 -7.70
CA ASP A 17 -10.73 -10.97 -8.37
C ASP A 17 -11.00 -12.31 -7.62
N LYS A 18 -10.97 -12.29 -6.30
CA LYS A 18 -11.31 -13.50 -5.52
C LYS A 18 -12.78 -13.82 -5.61
N ALA A 19 -13.62 -12.79 -5.56
CA ALA A 19 -15.04 -12.95 -5.76
C ALA A 19 -15.30 -13.51 -7.16
N LEU A 20 -14.59 -13.01 -8.17
CA LEU A 20 -14.75 -13.53 -9.53
CA LEU A 20 -14.70 -13.54 -9.54
C LEU A 20 -14.42 -15.04 -9.60
N ALA A 21 -13.30 -15.44 -9.03
CA ALA A 21 -12.91 -16.84 -9.01
C ALA A 21 -14.00 -17.69 -8.33
N SER A 22 -14.50 -17.21 -7.21
CA SER A 22 -15.50 -17.94 -6.44
C SER A 22 -16.78 -18.14 -7.28
N LEU A 23 -17.18 -17.12 -8.04
CA LEU A 23 -18.38 -17.25 -8.87
C LEU A 23 -18.15 -17.99 -10.19
N ILE A 24 -16.92 -17.94 -10.74
CA ILE A 24 -16.59 -18.78 -11.89
C ILE A 24 -16.72 -20.26 -11.51
N ILE A 25 -16.12 -20.62 -10.36
CA ILE A 25 -16.21 -21.97 -9.82
C ILE A 25 -17.67 -22.33 -9.47
N ALA A 26 -18.39 -21.45 -8.81
CA ALA A 26 -19.78 -21.78 -8.39
C ALA A 26 -20.71 -21.96 -9.60
N ASN A 27 -20.56 -21.10 -10.60
CA ASN A 27 -21.41 -21.21 -11.79
C ASN A 27 -21.13 -22.50 -12.55
N ALA A 28 -19.85 -22.83 -12.72
CA ALA A 28 -19.46 -24.08 -13.39
C ALA A 28 -20.00 -25.29 -12.61
N ALA A 29 -19.89 -25.25 -11.29
CA ALA A 29 -20.42 -26.30 -10.42
C ALA A 29 -21.93 -26.50 -10.64
N ARG A 30 -22.68 -25.42 -10.59
CA ARG A 30 -24.12 -25.46 -10.83
C ARG A 30 -24.49 -26.07 -12.20
N GLU A 31 -23.75 -25.73 -13.25
CA GLU A 31 -23.97 -26.35 -14.56
C GLU A 31 -23.70 -27.87 -14.53
N MSE A 32 -22.83 -28.35 -13.63
CA MSE A 32 -22.61 -29.80 -13.44
C MSE A 32 -23.59 -30.42 -12.39
O MSE A 32 -23.45 -31.57 -12.04
CB MSE A 32 -21.17 -30.08 -12.99
CG MSE A 32 -20.09 -29.49 -13.88
SE MSE A 32 -18.33 -29.52 -13.02
CE MSE A 32 -17.96 -31.38 -13.32
N GLU A 33 -24.56 -29.62 -11.93
CA GLU A 33 -25.60 -30.04 -10.99
C GLU A 33 -25.10 -30.24 -9.57
N ILE A 34 -23.93 -29.68 -9.26
CA ILE A 34 -23.42 -29.69 -7.89
C ILE A 34 -24.19 -28.65 -7.09
N GLU A 35 -24.63 -29.03 -5.90
CA GLU A 35 -25.24 -28.07 -4.99
CA GLU A 35 -25.24 -28.06 -4.98
C GLU A 35 -24.13 -27.18 -4.44
N VAL A 36 -24.32 -25.86 -4.50
CA VAL A 36 -23.27 -24.93 -4.06
C VAL A 36 -23.79 -24.01 -2.96
N THR A 37 -23.03 -23.93 -1.87
CA THR A 37 -23.32 -23.01 -0.79
C THR A 37 -22.16 -22.05 -0.71
N ILE A 38 -22.47 -20.74 -0.73
CA ILE A 38 -21.45 -19.73 -0.48
C ILE A 38 -21.81 -19.00 0.81
N PHE A 39 -20.97 -19.19 1.83
CA PHE A 39 -21.10 -18.53 3.14
C PHE A 39 -20.22 -17.30 3.14
N CYS A 40 -20.84 -16.12 3.12
CA CYS A 40 -20.06 -14.87 3.10
C CYS A 40 -19.85 -14.35 4.50
N ALA A 41 -18.60 -14.00 4.80
CA ALA A 41 -18.18 -13.56 6.12
C ALA A 41 -17.26 -12.37 5.99
N PHE A 42 -17.31 -11.51 6.98
CA PHE A 42 -16.51 -10.29 6.97
C PHE A 42 -16.62 -9.54 5.62
N TRP A 43 -15.52 -9.35 4.89
CA TRP A 43 -15.51 -8.51 3.69
C TRP A 43 -16.34 -9.15 2.57
N GLY A 44 -16.47 -10.47 2.60
CA GLY A 44 -17.25 -11.19 1.61
C GLY A 44 -18.72 -10.79 1.61
N LEU A 45 -19.21 -10.28 2.74
CA LEU A 45 -20.59 -9.74 2.84
C LEU A 45 -20.89 -8.65 1.82
N LEU A 46 -19.87 -7.90 1.41
CA LEU A 46 -20.02 -6.80 0.45
C LEU A 46 -20.55 -7.32 -0.89
N LEU A 47 -20.24 -8.58 -1.21
CA LEU A 47 -20.76 -9.22 -2.43
C LEU A 47 -22.30 -9.20 -2.47
N LEU A 48 -22.91 -9.28 -1.29
CA LEU A 48 -24.35 -9.50 -1.17
C LEU A 48 -25.19 -8.24 -1.07
N ARG A 49 -24.57 -7.06 -1.11
CA ARG A 49 -25.33 -5.83 -0.96
C ARG A 49 -26.14 -5.57 -2.21
N ASP A 50 -27.41 -5.20 -2.02
CA ASP A 50 -28.28 -4.79 -3.12
C ASP A 50 -28.32 -3.26 -3.11
N PRO A 51 -27.73 -2.62 -4.13
CA PRO A 51 -27.60 -1.16 -4.10
C PRO A 51 -28.94 -0.44 -4.10
N GLU A 52 -29.92 -0.96 -4.83
CA GLU A 52 -31.27 -0.37 -4.89
C GLU A 52 -32.05 -0.34 -3.58
N LYS A 53 -31.64 -1.16 -2.61
CA LYS A 53 -32.36 -1.24 -1.34
C LYS A 53 -31.43 -1.01 -0.13
N ALA A 54 -30.53 -0.05 -0.27
CA ALA A 54 -29.64 0.35 0.83
C ALA A 54 -30.42 1.23 1.81
N SER A 55 -29.91 1.32 3.04
CA SER A 55 -30.57 2.10 4.09
C SER A 55 -29.56 2.56 5.14
N GLN A 56 -29.91 3.63 5.86
CA GLN A 56 -29.14 4.11 7.01
C GLN A 56 -30.00 4.11 8.27
N GLU A 57 -31.18 3.50 8.18
CA GLU A 57 -32.21 3.62 9.21
C GLU A 57 -31.87 2.81 10.45
N ASP A 58 -31.72 3.52 11.58
CA ASP A 58 -31.41 2.94 12.88
C ASP A 58 -30.20 2.01 12.80
N LYS A 59 -29.06 2.66 12.55
CA LYS A 59 -27.75 2.06 12.69
C LYS A 59 -26.95 3.00 13.57
N SER A 60 -25.95 2.46 14.26
CA SER A 60 -25.03 3.30 15.01
C SER A 60 -24.27 4.14 14.01
N LEU A 61 -23.53 5.14 14.50
CA LEU A 61 -22.77 6.02 13.64
C LEU A 61 -21.64 5.26 12.91
N TYR A 62 -20.90 4.42 13.64
CA TYR A 62 -19.88 3.56 13.01
C TYR A 62 -20.45 2.70 11.89
N GLU A 63 -21.62 2.12 12.13
CA GLU A 63 -22.30 1.30 11.12
C GLU A 63 -22.68 2.13 9.89
N GLN A 64 -23.22 3.32 10.12
CA GLN A 64 -23.56 4.26 9.03
C GLN A 64 -22.33 4.61 8.19
N ALA A 65 -21.24 4.96 8.86
CA ALA A 65 -20.00 5.33 8.17
C ALA A 65 -19.47 4.18 7.33
N PHE A 66 -19.43 3.00 7.93
CA PHE A 66 -18.98 1.79 7.24
C PHE A 66 -19.82 1.51 6.01
N SER A 67 -21.14 1.56 6.15
CA SER A 67 -22.07 1.28 5.05
C SER A 67 -21.96 2.28 3.90
N SER A 68 -21.83 3.57 4.22
CA SER A 68 -21.73 4.61 3.18
CA SER A 68 -21.74 4.58 3.17
C SER A 68 -20.37 4.58 2.50
N LEU A 69 -19.32 4.21 3.23
CA LEU A 69 -17.93 4.28 2.74
C LEU A 69 -17.35 3.04 2.06
N THR A 70 -18.00 1.89 2.19
CA THR A 70 -17.47 0.67 1.61
C THR A 70 -18.11 0.45 0.25
N PRO A 71 -17.53 -0.45 -0.57
CA PRO A 71 -18.19 -0.77 -1.84
C PRO A 71 -19.67 -1.10 -1.66
N ARG A 72 -20.53 -0.49 -2.46
CA ARG A 72 -21.98 -0.57 -2.27
C ARG A 72 -22.62 -1.74 -3.03
N GLU A 73 -21.82 -2.41 -3.86
CA GLU A 73 -22.28 -3.58 -4.59
C GLU A 73 -21.04 -4.29 -5.11
N ALA A 74 -21.25 -5.52 -5.56
CA ALA A 74 -20.19 -6.40 -6.01
C ALA A 74 -19.27 -5.74 -7.04
N GLU A 75 -19.85 -5.01 -7.98
CA GLU A 75 -19.05 -4.42 -9.07
C GLU A 75 -18.02 -3.37 -8.59
N GLU A 76 -18.25 -2.80 -7.41
CA GLU A 76 -17.38 -1.78 -6.84
C GLU A 76 -16.23 -2.37 -6.00
N LEU A 77 -16.18 -3.69 -5.85
CA LEU A 77 -15.11 -4.30 -5.05
C LEU A 77 -13.72 -4.00 -5.64
N PRO A 78 -12.72 -3.71 -4.78
CA PRO A 78 -11.35 -3.45 -5.24
C PRO A 78 -10.62 -4.74 -5.64
N LEU A 79 -9.60 -4.63 -6.48
CA LEU A 79 -8.72 -5.77 -6.78
C LEU A 79 -7.89 -6.14 -5.55
N SER A 80 -7.55 -7.42 -5.41
CA SER A 80 -6.69 -7.87 -4.32
C SER A 80 -5.28 -7.28 -4.43
N LYS A 81 -4.85 -6.97 -5.65
CA LYS A 81 -3.56 -6.32 -5.90
C LYS A 81 -3.57 -5.54 -7.22
N MSE A 82 -2.63 -4.62 -7.38
CA MSE A 82 -2.56 -3.82 -8.61
C MSE A 82 -3.85 -3.01 -8.90
O MSE A 82 -4.13 -2.69 -10.05
CB MSE A 82 -2.31 -4.74 -9.83
CG MSE A 82 -0.88 -4.98 -10.21
SE MSE A 82 -0.89 -5.74 -12.02
CE MSE A 82 -0.46 -4.13 -13.05
N ASN A 83 -4.65 -2.72 -7.88
CA ASN A 83 -5.88 -1.91 -8.03
C ASN A 83 -5.48 -0.54 -8.56
N LEU A 84 -4.36 -0.03 -8.03
CA LEU A 84 -3.68 1.21 -8.49
C LEU A 84 -4.63 2.40 -8.59
N GLY A 85 -5.36 2.65 -7.51
CA GLY A 85 -6.37 3.72 -7.48
C GLY A 85 -7.68 3.35 -8.15
N GLY A 86 -7.76 2.13 -8.67
CA GLY A 86 -8.90 1.68 -9.47
C GLY A 86 -8.54 1.49 -10.95
N ILE A 87 -7.29 1.80 -11.29
CA ILE A 87 -6.82 1.77 -12.68
C ILE A 87 -6.44 0.34 -13.11
N GLY A 88 -5.76 -0.40 -12.24
CA GLY A 88 -5.43 -1.81 -12.53
C GLY A 88 -6.65 -2.74 -12.55
N LYS A 89 -7.69 -2.36 -11.82
CA LYS A 89 -8.99 -2.98 -11.99
C LYS A 89 -9.50 -2.60 -13.37
N LYS A 90 -9.34 -1.33 -13.74
CA LYS A 90 -9.75 -0.87 -15.07
C LYS A 90 -9.04 -1.71 -16.14
N MSE A 91 -7.77 -2.06 -15.87
CA MSE A 91 -7.00 -2.92 -16.76
C MSE A 91 -7.63 -4.31 -16.90
O MSE A 91 -7.97 -4.73 -17.99
CB MSE A 91 -5.56 -3.06 -16.26
CG MSE A 91 -4.59 -3.58 -17.29
SE MSE A 91 -2.75 -3.64 -16.61
CE MSE A 91 -1.84 -3.96 -18.33
N LEU A 92 -7.78 -5.01 -15.78
CA LEU A 92 -8.36 -6.35 -15.76
C LEU A 92 -9.71 -6.36 -16.49
N LEU A 93 -10.53 -5.36 -16.22
CA LEU A 93 -11.87 -5.28 -16.81
C LEU A 93 -11.83 -5.20 -18.33
N GLU A 94 -10.81 -4.51 -18.84
CA GLU A 94 -10.65 -4.32 -20.26
C GLU A 94 -10.23 -5.63 -20.92
N MSE A 95 -9.27 -6.31 -20.27
CA MSE A 95 -8.80 -7.58 -20.76
C MSE A 95 -9.92 -8.64 -20.73
O MSE A 95 -10.01 -9.46 -21.61
CB MSE A 95 -7.58 -8.04 -19.95
CG MSE A 95 -6.39 -7.10 -20.10
SE MSE A 95 -4.99 -7.51 -18.80
CE MSE A 95 -4.05 -8.90 -19.74
N MSE A 96 -10.76 -8.58 -19.70
CA MSE A 96 -11.91 -9.46 -19.63
C MSE A 96 -12.86 -9.17 -20.79
O MSE A 96 -13.32 -10.10 -21.46
CB MSE A 96 -12.61 -9.32 -18.29
CG MSE A 96 -11.85 -10.00 -17.19
SE MSE A 96 -12.50 -9.55 -15.42
CE MSE A 96 -14.38 -9.98 -15.62
N LYS A 97 -13.11 -7.89 -21.06
CA LYS A 97 -14.00 -7.49 -22.15
C LYS A 97 -13.55 -8.05 -23.49
N GLU A 98 -12.23 -8.01 -23.75
CA GLU A 98 -11.64 -8.59 -24.95
C GLU A 98 -11.95 -10.08 -25.12
N GLU A 99 -12.04 -10.82 -24.02
CA GLU A 99 -12.32 -12.25 -24.06
C GLU A 99 -13.80 -12.56 -23.87
N LYS A 100 -14.60 -11.52 -23.67
CA LYS A 100 -16.01 -11.70 -23.32
C LYS A 100 -16.17 -12.54 -22.05
N ALA A 101 -15.27 -12.32 -21.09
CA ALA A 101 -15.35 -12.95 -19.79
C ALA A 101 -16.31 -12.06 -18.99
N PRO A 102 -17.39 -12.62 -18.45
CA PRO A 102 -18.37 -11.74 -17.83
C PRO A 102 -17.88 -11.07 -16.55
N LYS A 103 -18.35 -9.83 -16.34
CA LYS A 103 -18.07 -9.06 -15.13
C LYS A 103 -18.60 -9.75 -13.90
N LEU A 104 -18.04 -9.40 -12.75
CA LEU A 104 -18.51 -9.96 -11.48
C LEU A 104 -20.03 -9.83 -11.29
N SER A 105 -20.60 -8.69 -11.61
CA SER A 105 -22.04 -8.47 -11.38
C SER A 105 -22.91 -9.41 -12.24
N ASP A 106 -22.43 -9.72 -13.44
CA ASP A 106 -23.09 -10.70 -14.32
C ASP A 106 -22.88 -12.14 -13.84
N LEU A 107 -21.70 -12.48 -13.32
CA LEU A 107 -21.51 -13.78 -12.71
C LEU A 107 -22.41 -13.96 -11.48
N LEU A 108 -22.63 -12.89 -10.73
CA LEU A 108 -23.48 -12.95 -9.54
C LEU A 108 -24.97 -13.11 -9.94
N SER A 109 -25.43 -12.39 -10.96
CA SER A 109 -26.78 -12.60 -11.48
C SER A 109 -26.95 -14.05 -11.91
N GLY A 110 -25.97 -14.56 -12.65
CA GLY A 110 -25.95 -15.94 -13.08
C GLY A 110 -26.05 -16.91 -11.92
N ALA A 111 -25.24 -16.71 -10.88
CA ALA A 111 -25.26 -17.57 -9.71
C ALA A 111 -26.60 -17.56 -8.97
N ARG A 112 -27.25 -16.39 -8.90
CA ARG A 112 -28.55 -16.30 -8.26
C ARG A 112 -29.61 -17.05 -9.06
N LYS A 113 -29.54 -16.92 -10.38
CA LYS A 113 -30.48 -17.57 -11.29
C LYS A 113 -30.30 -19.09 -11.27
N LYS A 114 -29.06 -19.55 -11.10
CA LYS A 114 -28.77 -20.98 -11.03
C LYS A 114 -28.98 -21.53 -9.61
N GLU A 115 -29.44 -20.68 -8.71
CA GLU A 115 -29.77 -21.07 -7.33
C GLU A 115 -28.57 -21.63 -6.53
N VAL A 116 -27.43 -20.95 -6.71
CA VAL A 116 -26.38 -20.98 -5.72
C VAL A 116 -27.01 -20.44 -4.44
N LYS A 117 -26.77 -21.12 -3.33
CA LYS A 117 -27.33 -20.73 -2.05
C LYS A 117 -26.35 -19.78 -1.36
N PHE A 118 -26.80 -18.56 -1.11
CA PHE A 118 -25.95 -17.52 -0.50
C PHE A 118 -26.35 -17.30 0.95
N TYR A 119 -25.38 -17.36 1.86
CA TYR A 119 -25.60 -17.14 3.28
C TYR A 119 -24.69 -16.04 3.79
N ALA A 120 -25.20 -15.25 4.72
CA ALA A 120 -24.45 -14.16 5.32
C ALA A 120 -24.17 -14.54 6.76
N OCS A 121 -22.90 -14.52 7.13
CA OCS A 121 -22.49 -14.84 8.49
CB OCS A 121 -20.96 -14.71 8.60
SG OCS A 121 -20.22 -14.98 10.21
C OCS A 121 -23.13 -13.89 9.49
O OCS A 121 -22.92 -12.70 9.43
OD1 OCS A 121 -20.02 -13.75 10.87
OD2 OCS A 121 -18.97 -15.62 10.03
OD3 OCS A 121 -21.01 -15.84 11.04
N GLN A 122 -23.88 -14.45 10.44
CA GLN A 122 -24.65 -13.65 11.39
C GLN A 122 -23.82 -12.67 12.20
N LEU A 123 -22.69 -13.12 12.75
CA LEU A 123 -21.82 -12.25 13.54
C LEU A 123 -21.24 -11.09 12.71
N SER A 124 -20.87 -11.36 11.46
CA SER A 124 -20.35 -10.33 10.54
C SER A 124 -21.40 -9.31 10.21
N VAL A 125 -22.62 -9.79 9.94
CA VAL A 125 -23.79 -8.93 9.75
C VAL A 125 -24.03 -8.02 10.96
N GLU A 126 -23.97 -8.59 12.16
CA GLU A 126 -24.20 -7.82 13.38
C GLU A 126 -23.10 -6.77 13.60
N ILE A 127 -21.83 -7.18 13.45
CA ILE A 127 -20.70 -6.28 13.62
C ILE A 127 -20.75 -5.14 12.59
N MSE A 128 -20.93 -5.47 11.31
CA MSE A 128 -20.90 -4.48 10.26
C MSE A 128 -22.18 -3.64 10.15
O MSE A 128 -22.18 -2.58 9.50
CB MSE A 128 -20.54 -5.15 8.93
CG MSE A 128 -19.11 -5.58 8.92
SE MSE A 128 -18.64 -6.71 7.41
CE MSE A 128 -16.71 -6.55 7.60
N GLY A 129 -23.26 -4.10 10.77
CA GLY A 129 -24.50 -3.34 10.86
C GLY A 129 -25.48 -3.47 9.69
N PHE A 130 -25.24 -4.40 8.77
CA PHE A 130 -26.15 -4.56 7.63
C PHE A 130 -27.48 -5.17 8.08
N LYS A 131 -28.58 -4.64 7.55
CA LYS A 131 -29.89 -5.23 7.70
C LYS A 131 -30.16 -6.23 6.59
N LYS A 132 -31.03 -7.20 6.87
CA LYS A 132 -31.55 -8.19 5.91
C LYS A 132 -31.97 -7.54 4.58
N GLU A 133 -32.78 -6.49 4.68
CA GLU A 133 -33.28 -5.76 3.52
C GLU A 133 -32.21 -5.08 2.64
N GLU A 134 -31.00 -4.88 3.17
CA GLU A 134 -29.88 -4.32 2.39
C GLU A 134 -29.16 -5.33 1.51
N LEU A 135 -29.43 -6.62 1.71
CA LEU A 135 -28.82 -7.69 0.92
C LEU A 135 -29.87 -8.20 -0.05
N PHE A 136 -29.45 -9.03 -1.00
N PHE A 136 -29.47 -8.96 -1.07
CA PHE A 136 -30.38 -9.64 -1.94
CA PHE A 136 -30.46 -9.42 -2.05
C PHE A 136 -31.44 -10.45 -1.19
C PHE A 136 -31.36 -10.52 -1.43
N PRO A 137 -32.68 -10.47 -1.72
CA PRO A 137 -33.75 -11.09 -0.92
C PRO A 137 -33.63 -12.58 -0.60
N GLU A 138 -33.00 -13.36 -1.48
CA GLU A 138 -32.83 -14.80 -1.22
C GLU A 138 -31.66 -15.16 -0.30
N VAL A 139 -30.88 -14.18 0.16
CA VAL A 139 -29.85 -14.45 1.17
C VAL A 139 -30.46 -14.84 2.51
N GLN A 140 -29.87 -15.83 3.17
CA GLN A 140 -30.29 -16.24 4.51
C GLN A 140 -29.16 -16.01 5.50
N ILE A 141 -29.50 -15.45 6.65
CA ILE A 141 -28.51 -15.17 7.69
C ILE A 141 -28.25 -16.49 8.43
N MSE A 142 -26.97 -16.90 8.48
CA MSE A 142 -26.50 -18.22 8.95
CA MSE A 142 -26.59 -18.18 9.07
C MSE A 142 -25.40 -17.99 10.01
O MSE A 142 -24.49 -17.21 9.76
CB MSE A 142 -25.94 -19.00 7.72
CB MSE A 142 -26.26 -19.21 8.00
CG MSE A 142 -25.17 -20.36 7.93
CG MSE A 142 -27.43 -19.55 7.10
SE MSE A 142 -24.27 -21.20 6.31
SE MSE A 142 -28.95 -20.31 8.02
CE MSE A 142 -25.72 -22.37 5.72
CE MSE A 142 -28.86 -22.12 7.30
N ASP A 143 -25.46 -18.68 11.15
CA ASP A 143 -24.35 -18.57 12.09
C ASP A 143 -23.25 -19.57 11.77
N VAL A 144 -22.13 -19.47 12.44
CA VAL A 144 -20.96 -20.27 12.09
C VAL A 144 -21.18 -21.77 12.32
N LYS A 145 -22.07 -22.14 13.25
CA LYS A 145 -22.37 -23.54 13.45
C LYS A 145 -23.13 -24.14 12.26
N GLU A 146 -23.99 -23.32 11.64
CA GLU A 146 -24.67 -23.73 10.44
CA GLU A 146 -24.67 -23.70 10.39
C GLU A 146 -23.67 -23.84 9.26
N TYR A 147 -22.71 -22.91 9.18
CA TYR A 147 -21.58 -23.06 8.24
C TYR A 147 -20.89 -24.41 8.42
N LEU A 148 -20.56 -24.74 9.67
CA LEU A 148 -19.79 -25.98 9.95
C LEU A 148 -20.56 -27.26 9.61
N LYS A 149 -21.86 -27.27 9.94
CA LYS A 149 -22.73 -28.42 9.59
C LYS A 149 -22.75 -28.57 8.08
N ASN A 150 -22.95 -27.47 7.36
CA ASN A 150 -22.98 -27.53 5.91
C ASN A 150 -21.62 -27.96 5.32
N ALA A 151 -20.53 -27.35 5.82
CA ALA A 151 -19.18 -27.66 5.33
C ALA A 151 -18.83 -29.12 5.57
N LEU A 152 -19.15 -29.64 6.75
CA LEU A 152 -18.92 -31.06 7.06
C LEU A 152 -19.75 -32.01 6.21
N GLU A 153 -20.93 -31.58 5.77
CA GLU A 153 -21.74 -32.39 4.85
C GLU A 153 -21.29 -32.29 3.39
N SER A 154 -20.36 -31.38 3.09
CA SER A 154 -19.97 -31.10 1.71
CA SER A 154 -19.96 -31.09 1.71
C SER A 154 -18.81 -31.98 1.26
N ASP A 155 -18.64 -32.07 -0.06
CA ASP A 155 -17.58 -32.87 -0.68
C ASP A 155 -16.32 -32.03 -0.99
N LEU A 156 -16.52 -30.73 -1.20
CA LEU A 156 -15.43 -29.82 -1.49
C LEU A 156 -15.65 -28.58 -0.65
N GLN A 157 -14.62 -28.20 0.12
CA GLN A 157 -14.69 -27.04 1.01
C GLN A 157 -13.45 -26.16 0.84
N LEU A 158 -13.66 -24.87 0.60
CA LEU A 158 -12.57 -23.93 0.36
C LEU A 158 -12.83 -22.64 1.13
N PHE A 159 -11.75 -21.95 1.47
CA PHE A 159 -11.79 -20.67 2.13
C PHE A 159 -11.12 -19.71 1.16
N ILE A 160 -11.86 -18.67 0.78
CA ILE A 160 -11.41 -17.72 -0.25
C ILE A 160 -11.33 -16.31 0.34
N ASN B 4 -2.47 -44.21 -1.86
CA ASN B 4 -3.33 -43.92 -3.05
C ASN B 4 -3.99 -42.53 -2.94
N LYS B 5 -3.50 -41.72 -2.01
CA LYS B 5 -4.14 -40.45 -1.71
C LYS B 5 -3.85 -39.41 -2.77
N LYS B 6 -4.68 -38.36 -2.80
CA LYS B 6 -4.61 -37.29 -3.81
C LYS B 6 -4.88 -35.94 -3.17
N MSE B 7 -4.09 -34.94 -3.60
CA MSE B 7 -4.23 -33.57 -3.15
C MSE B 7 -4.33 -32.62 -4.34
O MSE B 7 -3.63 -32.79 -5.33
CB MSE B 7 -3.01 -33.19 -2.30
CG MSE B 7 -3.00 -31.73 -1.86
SE MSE B 7 -1.50 -31.39 -0.65
CE MSE B 7 -0.09 -31.36 -1.91
N ASN B 8 -5.22 -31.65 -4.20
CA ASN B 8 -5.50 -30.64 -5.22
C ASN B 8 -5.32 -29.29 -4.54
N LEU B 9 -4.40 -28.49 -5.08
CA LEU B 9 -4.24 -27.11 -4.63
C LEU B 9 -4.64 -26.20 -5.76
N LEU B 10 -5.55 -25.27 -5.49
CA LEU B 10 -5.82 -24.17 -6.41
C LEU B 10 -4.97 -22.96 -5.98
N LEU B 11 -3.93 -22.68 -6.78
CA LEU B 11 -3.05 -21.56 -6.54
C LEU B 11 -3.58 -20.35 -7.31
N PHE B 12 -4.28 -19.51 -6.58
CA PHE B 12 -4.82 -18.27 -7.08
C PHE B 12 -3.82 -17.16 -6.86
N SER B 13 -3.17 -17.18 -5.70
CA SER B 13 -2.19 -16.13 -5.34
C SER B 13 -0.91 -16.18 -6.15
N GLY B 14 -0.39 -15.00 -6.49
CA GLY B 14 0.92 -14.87 -7.14
C GLY B 14 1.95 -14.29 -6.21
N ASP B 15 1.89 -14.66 -4.93
CA ASP B 15 2.81 -14.16 -3.96
C ASP B 15 3.91 -15.18 -3.72
N TYR B 16 5.13 -14.71 -3.59
CA TYR B 16 6.28 -15.57 -3.39
C TYR B 16 6.10 -16.53 -2.20
N ASP B 17 5.67 -15.97 -1.07
CA ASP B 17 5.52 -16.76 0.15
C ASP B 17 4.38 -17.79 0.09
N LYS B 18 3.29 -17.44 -0.57
CA LYS B 18 2.21 -18.42 -0.76
C LYS B 18 2.59 -19.52 -1.71
N ALA B 19 3.32 -19.16 -2.76
CA ALA B 19 3.84 -20.16 -3.68
C ALA B 19 4.83 -21.07 -2.95
N LEU B 20 5.66 -20.49 -2.07
CA LEU B 20 6.61 -21.29 -1.30
CA LEU B 20 6.61 -21.28 -1.27
C LEU B 20 5.86 -22.33 -0.47
N ALA B 21 4.83 -21.89 0.26
CA ALA B 21 3.99 -22.79 1.05
C ALA B 21 3.40 -23.91 0.20
N SER B 22 2.88 -23.57 -0.96
CA SER B 22 2.25 -24.56 -1.83
CA SER B 22 2.26 -24.53 -1.86
C SER B 22 3.26 -25.61 -2.31
N LEU B 23 4.49 -25.20 -2.58
CA LEU B 23 5.47 -26.15 -3.10
C LEU B 23 6.17 -26.93 -1.98
N ILE B 24 6.29 -26.33 -0.81
CA ILE B 24 6.74 -27.06 0.37
C ILE B 24 5.79 -28.22 0.62
N ILE B 25 4.49 -27.93 0.65
CA ILE B 25 3.44 -28.93 0.83
C ILE B 25 3.39 -29.96 -0.31
N ALA B 26 3.46 -29.50 -1.56
CA ALA B 26 3.43 -30.39 -2.72
C ALA B 26 4.63 -31.33 -2.78
N ASN B 27 5.82 -30.81 -2.51
CA ASN B 27 7.03 -31.63 -2.55
C ASN B 27 6.99 -32.74 -1.48
N ALA B 28 6.63 -32.35 -0.25
CA ALA B 28 6.48 -33.29 0.85
C ALA B 28 5.42 -34.35 0.55
N ALA B 29 4.30 -33.94 -0.06
CA ALA B 29 3.23 -34.88 -0.40
C ALA B 29 3.70 -35.90 -1.43
N ARG B 30 4.50 -35.46 -2.41
CA ARG B 30 5.08 -36.38 -3.40
C ARG B 30 6.04 -37.36 -2.74
N GLU B 31 6.81 -36.92 -1.75
CA GLU B 31 7.66 -37.83 -0.98
C GLU B 31 6.87 -38.91 -0.21
N MSE B 32 5.63 -38.60 0.15
CA MSE B 32 4.74 -39.58 0.79
C MSE B 32 3.89 -40.37 -0.24
O MSE B 32 2.95 -41.06 0.14
CB MSE B 32 3.82 -38.84 1.78
CG MSE B 32 4.56 -38.06 2.88
SE MSE B 32 3.32 -36.84 3.82
CE MSE B 32 2.39 -38.28 4.73
N GLU B 33 4.21 -40.24 -1.53
CA GLU B 33 3.48 -40.92 -2.63
C GLU B 33 2.01 -40.48 -2.79
N ILE B 34 1.70 -39.27 -2.35
CA ILE B 34 0.40 -38.65 -2.65
C ILE B 34 0.49 -38.07 -4.05
N GLU B 35 -0.54 -38.24 -4.85
CA GLU B 35 -0.60 -37.62 -6.17
CA GLU B 35 -0.62 -37.61 -6.18
C GLU B 35 -1.00 -36.15 -6.00
N VAL B 36 -0.20 -35.24 -6.57
CA VAL B 36 -0.43 -33.80 -6.41
C VAL B 36 -0.80 -33.08 -7.70
N THR B 37 -1.96 -32.43 -7.69
CA THR B 37 -2.40 -31.53 -8.75
C THR B 37 -2.41 -30.08 -8.29
N ILE B 38 -1.69 -29.23 -9.02
CA ILE B 38 -1.74 -27.79 -8.78
C ILE B 38 -2.37 -27.09 -9.99
N PHE B 39 -3.57 -26.56 -9.75
CA PHE B 39 -4.33 -25.79 -10.72
C PHE B 39 -4.03 -24.33 -10.47
N CYS B 40 -3.32 -23.69 -11.40
CA CYS B 40 -2.94 -22.29 -11.27
C CYS B 40 -3.95 -21.42 -12.00
N ALA B 41 -4.44 -20.41 -11.30
CA ALA B 41 -5.45 -19.53 -11.84
C ALA B 41 -5.08 -18.09 -11.47
N PHE B 42 -5.54 -17.17 -12.30
CA PHE B 42 -5.25 -15.75 -12.14
C PHE B 42 -3.77 -15.49 -11.86
N TRP B 43 -3.45 -14.89 -10.72
CA TRP B 43 -2.06 -14.50 -10.43
C TRP B 43 -1.15 -15.73 -10.31
N GLY B 44 -1.72 -16.86 -9.90
CA GLY B 44 -0.98 -18.12 -9.79
C GLY B 44 -0.30 -18.58 -11.07
N LEU B 45 -0.82 -18.13 -12.21
CA LEU B 45 -0.26 -18.49 -13.51
C LEU B 45 1.18 -18.03 -13.65
N LEU B 46 1.53 -16.96 -12.94
CA LEU B 46 2.86 -16.40 -13.02
C LEU B 46 3.94 -17.38 -12.53
N LEU B 47 3.57 -18.30 -11.63
CA LEU B 47 4.46 -19.37 -11.21
C LEU B 47 5.00 -20.21 -12.39
N LEU B 48 4.16 -20.40 -13.42
CA LEU B 48 4.43 -21.32 -14.54
C LEU B 48 5.17 -20.69 -15.72
N ARG B 49 5.51 -19.41 -15.62
CA ARG B 49 6.19 -18.72 -16.72
C ARG B 49 7.62 -19.20 -16.87
N ASP B 50 7.98 -19.55 -18.09
CA ASP B 50 9.36 -19.87 -18.44
C ASP B 50 9.98 -18.60 -19.04
N PRO B 51 10.90 -17.96 -18.31
CA PRO B 51 11.41 -16.66 -18.75
C PRO B 51 12.17 -16.73 -20.07
N GLU B 52 12.85 -17.84 -20.32
CA GLU B 52 13.58 -18.03 -21.58
C GLU B 52 12.66 -18.39 -22.77
N LYS B 53 11.35 -18.35 -22.59
CA LYS B 53 10.40 -18.62 -23.67
C LYS B 53 9.35 -17.51 -23.87
N ALA B 54 9.55 -16.35 -23.25
CA ALA B 54 8.56 -15.28 -23.32
C ALA B 54 8.33 -14.79 -24.75
N SER B 55 7.12 -14.28 -25.00
CA SER B 55 6.70 -13.87 -26.34
C SER B 55 5.74 -12.69 -26.29
N GLN B 56 5.77 -11.88 -27.35
CA GLN B 56 4.87 -10.75 -27.50
C GLN B 56 4.00 -10.82 -28.77
N GLU B 57 4.19 -11.86 -29.58
CA GLU B 57 3.53 -11.96 -30.88
C GLU B 57 2.04 -12.26 -30.73
N ASP B 58 1.22 -11.58 -31.53
CA ASP B 58 -0.23 -11.78 -31.53
C ASP B 58 -0.85 -11.61 -30.13
N LYS B 59 -0.52 -10.51 -29.46
CA LYS B 59 -1.17 -10.11 -28.24
C LYS B 59 -1.71 -8.70 -28.38
N SER B 60 -2.80 -8.39 -27.68
CA SER B 60 -3.32 -7.03 -27.64
C SER B 60 -2.38 -6.13 -26.83
N LEU B 61 -2.63 -4.83 -26.86
CA LEU B 61 -1.84 -3.86 -26.10
C LEU B 61 -1.77 -4.21 -24.60
N TYR B 62 -2.93 -4.43 -23.98
CA TYR B 62 -2.98 -4.65 -22.52
C TYR B 62 -2.35 -5.99 -22.16
N GLU B 63 -2.51 -6.98 -23.03
CA GLU B 63 -1.83 -8.26 -22.88
C GLU B 63 -0.32 -8.15 -22.95
N GLN B 64 0.18 -7.36 -23.90
CA GLN B 64 1.62 -7.11 -24.01
C GLN B 64 2.13 -6.38 -22.79
N ALA B 65 1.40 -5.35 -22.37
CA ALA B 65 1.75 -4.59 -21.18
C ALA B 65 1.68 -5.45 -19.93
N PHE B 66 0.62 -6.26 -19.80
CA PHE B 66 0.49 -7.14 -18.63
C PHE B 66 1.67 -8.11 -18.56
N SER B 67 1.98 -8.76 -19.67
CA SER B 67 3.13 -9.66 -19.78
C SER B 67 4.47 -9.01 -19.43
N SER B 68 4.75 -7.90 -20.11
CA SER B 68 6.03 -7.20 -19.94
CA SER B 68 6.02 -7.20 -19.97
C SER B 68 6.24 -6.72 -18.52
N LEU B 69 5.15 -6.33 -17.85
CA LEU B 69 5.20 -5.71 -16.52
C LEU B 69 4.65 -6.55 -15.33
N THR B 70 4.65 -7.87 -15.46
CA THR B 70 4.39 -8.72 -14.30
C THR B 70 5.63 -9.55 -14.09
N PRO B 71 5.78 -10.19 -12.91
CA PRO B 71 6.91 -11.10 -12.71
C PRO B 71 7.08 -12.07 -13.88
N ARG B 72 8.33 -12.24 -14.33
CA ARG B 72 8.64 -12.99 -15.55
CA ARG B 72 8.61 -13.01 -15.55
C ARG B 72 8.86 -14.48 -15.24
N GLU B 73 9.05 -14.77 -13.96
CA GLU B 73 9.27 -16.13 -13.50
C GLU B 73 9.02 -16.16 -11.99
N ALA B 74 8.96 -17.37 -11.45
CA ALA B 74 8.63 -17.57 -10.06
C ALA B 74 9.52 -16.81 -9.08
N GLU B 75 10.84 -16.75 -9.34
CA GLU B 75 11.73 -16.10 -8.39
C GLU B 75 11.45 -14.59 -8.23
N GLU B 76 10.80 -14.00 -9.22
CA GLU B 76 10.45 -12.57 -9.18
C GLU B 76 9.09 -12.26 -8.52
N LEU B 77 8.35 -13.25 -8.04
CA LEU B 77 7.06 -12.96 -7.39
C LEU B 77 7.28 -12.10 -6.13
N PRO B 78 6.38 -11.14 -5.88
CA PRO B 78 6.48 -10.30 -4.69
C PRO B 78 6.04 -11.02 -3.41
N LEU B 79 6.50 -10.56 -2.24
CA LEU B 79 5.94 -11.09 -1.00
C LEU B 79 4.50 -10.60 -0.83
N SER B 80 3.67 -11.44 -0.19
CA SER B 80 2.32 -11.01 0.17
C SER B 80 2.36 -9.85 1.19
N LYS B 81 3.47 -9.69 1.92
CA LYS B 81 3.62 -8.68 2.99
C LYS B 81 5.08 -8.24 3.18
N MSE B 82 5.27 -6.99 3.59
CA MSE B 82 6.59 -6.35 3.74
C MSE B 82 7.61 -6.71 2.64
O MSE B 82 8.76 -7.07 2.92
CB MSE B 82 7.15 -6.49 5.19
CG MSE B 82 6.90 -7.82 5.90
SE MSE B 82 7.87 -7.94 7.63
CE MSE B 82 9.70 -8.15 6.97
N ASN B 83 7.13 -6.62 1.40
CA ASN B 83 7.95 -6.80 0.19
CA ASN B 83 7.94 -6.79 0.19
C ASN B 83 8.93 -5.63 0.08
N LEU B 84 8.46 -4.44 0.46
CA LEU B 84 9.27 -3.19 0.45
C LEU B 84 10.00 -2.97 -0.88
N GLY B 85 9.27 -3.11 -1.98
CA GLY B 85 9.86 -2.95 -3.31
C GLY B 85 10.91 -3.99 -3.63
N GLY B 86 10.79 -5.16 -2.99
CA GLY B 86 11.73 -6.26 -3.16
C GLY B 86 12.68 -6.44 -1.99
N ILE B 87 12.62 -5.52 -1.03
CA ILE B 87 13.64 -5.45 0.04
C ILE B 87 13.31 -6.39 1.21
N GLY B 88 12.03 -6.43 1.62
CA GLY B 88 11.58 -7.33 2.68
C GLY B 88 11.31 -8.75 2.17
N LYS B 89 11.29 -8.88 0.84
CA LYS B 89 11.52 -10.16 0.21
C LYS B 89 13.00 -10.47 0.36
N LYS B 90 13.82 -9.44 0.23
CA LYS B 90 15.26 -9.61 0.39
C LYS B 90 15.60 -10.05 1.82
N MSE B 91 14.82 -9.58 2.80
CA MSE B 91 14.93 -10.04 4.19
C MSE B 91 14.62 -11.54 4.27
O MSE B 91 15.48 -12.32 4.71
CB MSE B 91 13.97 -9.24 5.11
CG MSE B 91 14.18 -9.50 6.62
SE MSE B 91 13.12 -8.38 7.88
CE MSE B 91 14.36 -8.38 9.37
N LEU B 92 13.43 -11.94 3.83
CA LEU B 92 13.05 -13.34 3.84
C LEU B 92 14.12 -14.22 3.20
N LEU B 93 14.63 -13.82 2.04
CA LEU B 93 15.58 -14.66 1.33
C LEU B 93 16.87 -14.84 2.13
N GLU B 94 17.27 -13.80 2.85
CA GLU B 94 18.49 -13.89 3.64
C GLU B 94 18.26 -14.83 4.83
N MSE B 95 17.08 -14.75 5.43
CA MSE B 95 16.72 -15.61 6.53
C MSE B 95 16.63 -17.07 6.09
O MSE B 95 17.08 -17.95 6.79
CB MSE B 95 15.41 -15.12 7.16
CG MSE B 95 15.62 -13.75 7.83
SE MSE B 95 13.97 -13.05 8.53
CE MSE B 95 13.97 -13.83 10.29
N MSE B 96 16.08 -17.27 4.90
CA MSE B 96 16.05 -18.59 4.30
C MSE B 96 17.46 -19.11 3.98
O MSE B 96 17.76 -20.25 4.24
CB MSE B 96 15.17 -18.58 3.05
CG MSE B 96 13.75 -18.36 3.38
SE MSE B 96 12.64 -18.17 1.78
CE MSE B 96 13.00 -19.88 1.02
N LYS B 97 18.32 -18.25 3.45
CA LYS B 97 19.71 -18.63 3.20
C LYS B 97 20.42 -19.10 4.47
N GLU B 98 20.31 -18.34 5.57
CA GLU B 98 20.89 -18.75 6.86
C GLU B 98 20.45 -20.13 7.32
N GLU B 99 19.20 -20.45 7.04
CA GLU B 99 18.60 -21.72 7.45
C GLU B 99 18.76 -22.82 6.40
N LYS B 100 19.34 -22.44 5.25
CA LYS B 100 19.49 -23.34 4.10
C LYS B 100 18.13 -23.87 3.60
N ALA B 101 17.12 -23.02 3.65
CA ALA B 101 15.79 -23.31 3.10
C ALA B 101 15.84 -22.98 1.62
N PRO B 102 15.51 -23.94 0.74
CA PRO B 102 15.56 -23.69 -0.70
C PRO B 102 14.63 -22.55 -1.17
N LYS B 103 15.09 -21.81 -2.18
CA LYS B 103 14.33 -20.72 -2.81
C LYS B 103 13.15 -21.31 -3.58
N LEU B 104 12.23 -20.44 -3.95
CA LEU B 104 11.05 -20.86 -4.70
C LEU B 104 11.39 -21.60 -5.98
N SER B 105 12.32 -21.06 -6.77
CA SER B 105 12.67 -21.67 -8.04
C SER B 105 13.24 -23.07 -7.86
N ASP B 106 13.97 -23.29 -6.78
CA ASP B 106 14.48 -24.65 -6.45
C ASP B 106 13.36 -25.60 -5.98
N LEU B 107 12.38 -25.09 -5.23
CA LEU B 107 11.22 -25.91 -4.88
C LEU B 107 10.44 -26.28 -6.14
N LEU B 108 10.36 -25.35 -7.09
CA LEU B 108 9.61 -25.55 -8.33
C LEU B 108 10.30 -26.60 -9.22
N SER B 109 11.62 -26.50 -9.35
CA SER B 109 12.39 -27.54 -10.02
C SER B 109 12.17 -28.89 -9.39
N GLY B 110 12.20 -28.94 -8.07
CA GLY B 110 11.92 -30.17 -7.34
C GLY B 110 10.52 -30.72 -7.61
N ALA B 111 9.52 -29.83 -7.56
CA ALA B 111 8.14 -30.23 -7.89
C ALA B 111 8.03 -30.82 -9.29
N ARG B 112 8.68 -30.19 -10.26
CA ARG B 112 8.63 -30.65 -11.64
C ARG B 112 9.32 -32.01 -11.78
N LYS B 113 10.47 -32.16 -11.14
CA LYS B 113 11.17 -33.45 -11.12
C LYS B 113 10.34 -34.55 -10.48
N LYS B 114 9.63 -34.24 -9.41
CA LYS B 114 8.82 -35.23 -8.69
C LYS B 114 7.46 -35.49 -9.34
N GLU B 115 7.19 -34.79 -10.44
CA GLU B 115 5.98 -34.97 -11.22
C GLU B 115 4.71 -34.59 -10.48
N VAL B 116 4.79 -33.49 -9.71
CA VAL B 116 3.59 -32.71 -9.40
C VAL B 116 2.98 -32.37 -10.75
N LYS B 117 1.66 -32.43 -10.86
CA LYS B 117 0.97 -32.15 -12.10
C LYS B 117 0.53 -30.70 -12.07
N PHE B 118 1.07 -29.88 -12.98
CA PHE B 118 0.73 -28.46 -13.04
C PHE B 118 -0.22 -28.20 -14.18
N TYR B 119 -1.30 -27.48 -13.87
CA TYR B 119 -2.31 -27.11 -14.83
C TYR B 119 -2.55 -25.59 -14.78
N ALA B 120 -2.85 -25.01 -15.94
CA ALA B 120 -3.16 -23.59 -16.06
C ALA B 120 -4.64 -23.45 -16.43
N OCS B 121 -5.36 -22.68 -15.63
CA OCS B 121 -6.77 -22.39 -15.83
CB OCS B 121 -7.27 -21.50 -14.69
SG OCS B 121 -8.97 -20.91 -14.84
C OCS B 121 -6.97 -21.70 -17.16
O OCS B 121 -6.39 -20.64 -17.42
OD1 OCS B 121 -9.00 -19.59 -15.29
OD2 OCS B 121 -9.57 -20.95 -13.54
OD3 OCS B 121 -9.74 -21.76 -15.69
N GLN B 122 -7.80 -22.30 -18.02
CA GLN B 122 -7.98 -21.85 -19.37
C GLN B 122 -8.49 -20.41 -19.46
N LEU B 123 -9.47 -20.08 -18.64
CA LEU B 123 -10.04 -18.73 -18.70
C LEU B 123 -8.98 -17.67 -18.35
N SER B 124 -8.24 -17.88 -17.25
CA SER B 124 -7.11 -17.00 -16.88
C SER B 124 -6.08 -16.85 -17.95
N VAL B 125 -5.69 -17.97 -18.54
CA VAL B 125 -4.69 -17.96 -19.62
C VAL B 125 -5.16 -17.04 -20.77
N GLU B 126 -6.43 -17.17 -21.15
CA GLU B 126 -7.02 -16.39 -22.21
C GLU B 126 -7.13 -14.91 -21.85
N ILE B 127 -7.66 -14.61 -20.67
CA ILE B 127 -7.78 -13.23 -20.20
C ILE B 127 -6.40 -12.56 -20.15
N MSE B 128 -5.44 -13.23 -19.52
CA MSE B 128 -4.11 -12.65 -19.36
C MSE B 128 -3.25 -12.68 -20.63
O MSE B 128 -2.22 -11.99 -20.71
CB MSE B 128 -3.40 -13.31 -18.17
CG MSE B 128 -4.01 -12.84 -16.87
SE MSE B 128 -3.41 -13.89 -15.34
CE MSE B 128 -4.08 -12.71 -13.94
N GLY B 129 -3.68 -13.47 -21.62
CA GLY B 129 -2.99 -13.50 -22.91
C GLY B 129 -1.75 -14.38 -22.99
N PHE B 130 -1.47 -15.16 -21.96
CA PHE B 130 -0.32 -16.09 -22.02
C PHE B 130 -0.54 -17.20 -23.05
N LYS B 131 0.50 -17.51 -23.80
CA LYS B 131 0.48 -18.66 -24.69
C LYS B 131 1.12 -19.86 -23.98
N LYS B 132 0.71 -21.06 -24.39
CA LYS B 132 1.22 -22.32 -23.85
C LYS B 132 2.74 -22.42 -23.94
N GLU B 133 3.30 -21.94 -25.03
CA GLU B 133 4.74 -21.96 -25.24
C GLU B 133 5.49 -21.05 -24.26
N GLU B 134 4.79 -20.10 -23.66
CA GLU B 134 5.41 -19.22 -22.66
C GLU B 134 5.51 -19.88 -21.27
N LEU B 135 4.83 -21.01 -21.09
CA LEU B 135 4.82 -21.73 -19.82
C LEU B 135 5.65 -22.99 -19.94
N PHE B 136 5.99 -23.60 -18.81
CA PHE B 136 6.80 -24.80 -18.81
C PHE B 136 6.15 -25.88 -19.65
N PRO B 137 6.96 -26.68 -20.35
CA PRO B 137 6.42 -27.58 -21.37
C PRO B 137 5.37 -28.56 -20.87
N GLU B 138 5.55 -29.10 -19.65
CA GLU B 138 4.65 -30.13 -19.11
C GLU B 138 3.36 -29.59 -18.50
N VAL B 139 3.21 -28.27 -18.46
CA VAL B 139 1.95 -27.65 -18.05
C VAL B 139 0.87 -28.01 -19.08
N GLN B 140 -0.30 -28.39 -18.59
CA GLN B 140 -1.48 -28.58 -19.44
C GLN B 140 -2.56 -27.55 -19.09
N ILE B 141 -3.24 -27.04 -20.10
CA ILE B 141 -4.34 -26.13 -19.90
C ILE B 141 -5.56 -26.96 -19.46
N MSE B 142 -6.24 -26.51 -18.40
CA MSE B 142 -7.45 -27.18 -17.92
CA MSE B 142 -7.39 -27.20 -17.79
C MSE B 142 -8.51 -26.15 -17.61
O MSE B 142 -8.22 -25.04 -17.12
CB MSE B 142 -7.18 -28.03 -16.68
CB MSE B 142 -6.91 -27.81 -16.44
CG MSE B 142 -6.25 -29.18 -16.92
CG MSE B 142 -7.96 -28.24 -15.36
SE MSE B 142 -6.84 -30.51 -18.23
SE MSE B 142 -7.25 -28.95 -13.60
CE MSE B 142 -7.91 -31.68 -17.11
CE MSE B 142 -6.86 -30.77 -14.17
N ASP B 143 -9.75 -26.46 -17.96
CA ASP B 143 -10.86 -25.54 -17.67
C ASP B 143 -11.42 -25.78 -16.24
N VAL B 144 -12.31 -24.89 -15.80
CA VAL B 144 -12.81 -24.93 -14.43
C VAL B 144 -13.59 -26.21 -14.11
N LYS B 145 -14.24 -26.79 -15.11
CA LYS B 145 -15.00 -28.02 -14.90
C LYS B 145 -14.06 -29.19 -14.65
N GLU B 146 -12.91 -29.17 -15.32
CA GLU B 146 -11.88 -30.19 -15.10
C GLU B 146 -11.25 -30.03 -13.73
N TYR B 147 -11.02 -28.80 -13.31
CA TYR B 147 -10.59 -28.54 -11.93
C TYR B 147 -11.59 -29.15 -10.93
N LEU B 148 -12.87 -28.88 -11.12
CA LEU B 148 -13.88 -29.36 -10.17
C LEU B 148 -13.93 -30.88 -10.09
N LYS B 149 -13.91 -31.54 -11.26
CA LYS B 149 -13.85 -33.00 -11.27
C LYS B 149 -12.66 -33.53 -10.48
N ASN B 150 -11.48 -32.98 -10.76
CA ASN B 150 -10.26 -33.41 -10.09
C ASN B 150 -10.36 -33.08 -8.59
N ALA B 151 -10.83 -31.88 -8.22
CA ALA B 151 -10.94 -31.52 -6.79
C ALA B 151 -11.91 -32.43 -6.04
N LEU B 152 -13.06 -32.71 -6.64
CA LEU B 152 -14.04 -33.60 -6.01
C LEU B 152 -13.54 -35.03 -5.85
N GLU B 153 -12.58 -35.45 -6.66
CA GLU B 153 -11.99 -36.79 -6.56
C GLU B 153 -10.79 -36.82 -5.61
N SER B 154 -10.46 -35.67 -5.02
CA SER B 154 -9.27 -35.55 -4.17
C SER B 154 -9.59 -35.83 -2.73
N ASP B 155 -8.56 -36.10 -1.95
CA ASP B 155 -8.69 -36.31 -0.51
C ASP B 155 -8.39 -35.03 0.31
N LEU B 156 -7.72 -34.06 -0.31
CA LEU B 156 -7.33 -32.81 0.35
C LEU B 156 -7.40 -31.72 -0.71
N GLN B 157 -8.20 -30.69 -0.47
CA GLN B 157 -8.44 -29.60 -1.41
C GLN B 157 -8.26 -28.27 -0.70
N LEU B 158 -7.40 -27.42 -1.25
CA LEU B 158 -7.13 -26.10 -0.69
C LEU B 158 -7.14 -25.05 -1.79
N PHE B 159 -7.50 -23.83 -1.39
CA PHE B 159 -7.41 -22.64 -2.22
C PHE B 159 -6.36 -21.75 -1.56
N ILE B 160 -5.28 -21.50 -2.29
CA ILE B 160 -4.18 -20.65 -1.81
C ILE B 160 -4.09 -19.36 -2.62
N ASN C 4 -16.22 -37.18 16.82
CA ASN C 4 -16.17 -38.01 15.58
C ASN C 4 -15.53 -37.21 14.44
N LYS C 5 -15.97 -35.97 14.26
CA LYS C 5 -15.49 -35.15 13.14
C LYS C 5 -14.21 -34.40 13.52
N LYS C 6 -13.37 -34.14 12.50
CA LYS C 6 -12.08 -33.48 12.66
C LYS C 6 -11.93 -32.38 11.61
N MSE C 7 -11.41 -31.24 12.05
CA MSE C 7 -11.13 -30.10 11.18
C MSE C 7 -9.68 -29.67 11.31
O MSE C 7 -9.10 -29.63 12.42
CB MSE C 7 -12.07 -28.92 11.52
CG MSE C 7 -11.79 -27.63 10.74
SE MSE C 7 -13.08 -26.23 11.26
CE MSE C 7 -12.55 -25.99 13.06
N ASN C 8 -9.07 -29.35 10.18
CA ASN C 8 -7.70 -28.91 10.09
C ASN C 8 -7.68 -27.56 9.39
N LEU C 9 -7.16 -26.55 10.09
CA LEU C 9 -6.97 -25.22 9.50
C LEU C 9 -5.47 -24.98 9.37
N LEU C 10 -5.04 -24.60 8.18
CA LEU C 10 -3.67 -24.15 7.99
C LEU C 10 -3.73 -22.62 8.02
N LEU C 11 -3.24 -22.03 9.12
CA LEU C 11 -3.21 -20.58 9.24
C LEU C 11 -1.89 -20.06 8.75
N PHE C 12 -1.90 -19.60 7.50
CA PHE C 12 -0.74 -18.98 6.87
C PHE C 12 -0.71 -17.48 7.16
N SER C 13 -1.89 -16.87 7.13
CA SER C 13 -2.04 -15.43 7.25
C SER C 13 -1.79 -14.96 8.68
N GLY C 14 -1.13 -13.83 8.83
CA GLY C 14 -0.93 -13.20 10.14
C GLY C 14 -1.76 -11.95 10.26
N ASP C 15 -2.97 -11.98 9.72
CA ASP C 15 -3.83 -10.82 9.75
C ASP C 15 -4.85 -10.98 10.86
N TYR C 16 -5.13 -9.89 11.56
CA TYR C 16 -6.03 -9.92 12.70
C TYR C 16 -7.39 -10.50 12.31
N ASP C 17 -7.93 -10.03 11.18
CA ASP C 17 -9.27 -10.40 10.75
C ASP C 17 -9.35 -11.87 10.25
N LYS C 18 -8.31 -12.34 9.58
CA LYS C 18 -8.23 -13.76 9.20
C LYS C 18 -8.06 -14.65 10.40
N ALA C 19 -7.21 -14.25 11.36
CA ALA C 19 -7.07 -15.03 12.60
C ALA C 19 -8.39 -15.08 13.37
N LEU C 20 -9.10 -13.95 13.38
CA LEU C 20 -10.40 -13.88 14.04
CA LEU C 20 -10.43 -13.86 14.01
C LEU C 20 -11.39 -14.88 13.40
N ALA C 21 -11.49 -14.88 12.08
CA ALA C 21 -12.34 -15.85 11.37
C ALA C 21 -11.97 -17.28 11.77
N SER C 22 -10.67 -17.58 11.78
CA SER C 22 -10.21 -18.92 12.08
CA SER C 22 -10.20 -18.91 12.10
C SER C 22 -10.62 -19.34 13.49
N LEU C 23 -10.54 -18.43 14.46
CA LEU C 23 -10.85 -18.79 15.85
C LEU C 23 -12.34 -18.76 16.19
N ILE C 24 -13.11 -17.93 15.50
CA ILE C 24 -14.58 -18.02 15.57
C ILE C 24 -15.00 -19.44 15.13
N ILE C 25 -14.49 -19.91 13.99
CA ILE C 25 -14.81 -21.22 13.45
C ILE C 25 -14.32 -22.34 14.41
N ALA C 26 -13.08 -22.21 14.88
CA ALA C 26 -12.46 -23.20 15.75
C ALA C 26 -13.20 -23.35 17.09
N ASN C 27 -13.57 -22.23 17.70
CA ASN C 27 -14.27 -22.25 18.98
C ASN C 27 -15.64 -22.88 18.86
N ALA C 28 -16.36 -22.50 17.81
CA ALA C 28 -17.68 -23.08 17.52
C ALA C 28 -17.58 -24.57 17.22
N ALA C 29 -16.55 -24.97 16.48
CA ALA C 29 -16.36 -26.38 16.17
C ALA C 29 -16.13 -27.19 17.45
N ARG C 30 -15.34 -26.64 18.37
CA ARG C 30 -15.09 -27.30 19.64
C ARG C 30 -16.38 -27.49 20.45
N GLU C 31 -17.24 -26.49 20.46
CA GLU C 31 -18.55 -26.59 21.12
C GLU C 31 -19.43 -27.70 20.52
N MSE C 32 -19.30 -27.93 19.22
CA MSE C 32 -20.00 -29.05 18.56
C MSE C 32 -19.24 -30.39 18.69
O MSE C 32 -19.60 -31.35 18.03
CB MSE C 32 -20.19 -28.71 17.08
CG MSE C 32 -21.01 -27.48 16.78
SE MSE C 32 -20.80 -26.95 14.89
CE MSE C 32 -21.87 -28.35 14.04
N GLU C 33 -18.19 -30.44 19.52
CA GLU C 33 -17.36 -31.64 19.73
C GLU C 33 -16.57 -32.09 18.50
N ILE C 34 -16.22 -31.15 17.64
CA ILE C 34 -15.31 -31.44 16.55
C ILE C 34 -13.88 -31.23 17.06
N GLU C 35 -12.99 -32.17 16.76
CA GLU C 35 -11.55 -32.01 17.03
CA GLU C 35 -11.57 -31.98 17.04
C GLU C 35 -10.98 -31.00 16.05
N VAL C 36 -10.19 -30.05 16.56
CA VAL C 36 -9.67 -28.98 15.73
C VAL C 36 -8.17 -28.92 15.85
N THR C 37 -7.51 -28.97 14.71
CA THR C 37 -6.08 -28.78 14.61
C THR C 37 -5.84 -27.49 13.83
N ILE C 38 -5.05 -26.57 14.37
CA ILE C 38 -4.65 -25.40 13.62
C ILE C 38 -3.13 -25.44 13.46
N PHE C 39 -2.68 -25.56 12.23
CA PHE C 39 -1.26 -25.60 11.87
C PHE C 39 -0.89 -24.19 11.44
N CYS C 40 -0.07 -23.51 12.23
CA CYS C 40 0.35 -22.14 11.94
C CYS C 40 1.66 -22.16 11.19
N ALA C 41 1.69 -21.43 10.08
CA ALA C 41 2.85 -21.40 9.23
C ALA C 41 3.10 -19.97 8.80
N PHE C 42 4.38 -19.68 8.53
CA PHE C 42 4.81 -18.36 8.12
C PHE C 42 4.20 -17.28 9.03
N TRP C 43 3.41 -16.36 8.46
CA TRP C 43 2.89 -15.21 9.24
C TRP C 43 1.95 -15.65 10.37
N GLY C 44 1.26 -16.77 10.15
CA GLY C 44 0.40 -17.39 11.15
C GLY C 44 1.08 -17.74 12.48
N LEU C 45 2.39 -17.95 12.44
CA LEU C 45 3.13 -18.21 13.67
C LEU C 45 3.04 -17.06 14.68
N LEU C 46 2.85 -15.85 14.19
CA LEU C 46 2.75 -14.69 15.07
C LEU C 46 1.56 -14.82 16.06
N LEU C 47 0.52 -15.57 15.68
CA LEU C 47 -0.62 -15.80 16.56
C LEU C 47 -0.18 -16.51 17.85
N LEU C 48 0.86 -17.33 17.77
CA LEU C 48 1.25 -18.20 18.88
C LEU C 48 2.26 -17.58 19.88
N ARG C 49 2.70 -16.34 19.60
CA ARG C 49 3.70 -15.69 20.46
C ARG C 49 3.11 -15.33 21.81
N ASP C 50 3.81 -15.72 22.87
CA ASP C 50 3.40 -15.46 24.24
C ASP C 50 4.13 -14.18 24.67
N PRO C 51 3.39 -13.09 24.85
CA PRO C 51 4.04 -11.83 25.16
C PRO C 51 4.71 -11.81 26.57
N GLU C 52 4.40 -12.79 27.42
CA GLU C 52 5.04 -12.88 28.74
CA GLU C 52 5.02 -12.93 28.75
C GLU C 52 6.40 -13.59 28.68
N LYS C 53 6.80 -14.06 27.48
CA LYS C 53 8.00 -14.92 27.36
C LYS C 53 9.18 -14.41 26.50
N ALA C 54 8.96 -13.42 25.62
CA ALA C 54 9.94 -13.06 24.56
C ALA C 54 11.43 -13.12 24.92
N SER C 55 12.25 -13.45 23.91
CA SER C 55 13.72 -13.45 24.07
C SER C 55 14.43 -13.03 22.78
N GLN C 56 15.65 -12.51 22.95
CA GLN C 56 16.54 -12.16 21.83
C GLN C 56 17.82 -13.02 21.84
N GLU C 57 17.87 -13.98 22.77
CA GLU C 57 19.10 -14.71 23.08
C GLU C 57 19.37 -15.80 22.03
N ASP C 58 20.58 -15.80 21.48
CA ASP C 58 21.00 -16.83 20.54
C ASP C 58 20.20 -16.75 19.23
N LYS C 59 20.13 -15.55 18.69
CA LYS C 59 19.47 -15.31 17.40
C LYS C 59 20.40 -14.51 16.51
N SER C 60 20.24 -14.67 15.20
CA SER C 60 20.99 -13.86 14.24
C SER C 60 20.40 -12.45 14.19
N LEU C 61 21.07 -11.56 13.46
CA LEU C 61 20.64 -10.16 13.34
C LEU C 61 19.24 -10.04 12.74
N TYR C 62 19.03 -10.65 11.57
CA TYR C 62 17.71 -10.57 10.94
C TYR C 62 16.64 -11.24 11.81
N GLU C 63 16.96 -12.33 12.48
CA GLU C 63 16.01 -12.97 13.42
C GLU C 63 15.64 -12.07 14.61
N GLN C 64 16.67 -11.47 15.21
CA GLN C 64 16.50 -10.49 16.29
C GLN C 64 15.64 -9.33 15.79
N ALA C 65 15.96 -8.80 14.61
CA ALA C 65 15.25 -7.68 14.06
C ALA C 65 13.80 -8.05 13.77
N PHE C 66 13.60 -9.20 13.13
CA PHE C 66 12.26 -9.70 12.81
C PHE C 66 11.40 -9.87 14.08
N SER C 67 11.98 -10.49 15.09
CA SER C 67 11.31 -10.68 16.38
C SER C 67 10.92 -9.37 17.06
N SER C 68 11.83 -8.41 17.08
CA SER C 68 11.56 -7.12 17.72
C SER C 68 10.56 -6.26 16.98
N LEU C 69 10.57 -6.33 15.66
CA LEU C 69 9.78 -5.41 14.83
C LEU C 69 8.36 -5.90 14.53
N THR C 70 8.13 -7.21 14.59
CA THR C 70 6.83 -7.78 14.24
C THR C 70 5.87 -7.74 15.42
N PRO C 71 4.56 -7.93 15.16
CA PRO C 71 3.58 -8.05 16.26
C PRO C 71 4.01 -9.06 17.33
N ARG C 72 3.96 -8.66 18.61
CA ARG C 72 4.50 -9.45 19.72
C ARG C 72 3.47 -10.39 20.33
N GLU C 73 2.21 -10.25 19.91
CA GLU C 73 1.12 -11.13 20.34
C GLU C 73 -0.05 -10.93 19.38
N ALA C 74 -1.00 -11.84 19.48
CA ALA C 74 -2.13 -11.87 18.57
C ALA C 74 -2.85 -10.52 18.47
N GLU C 75 -3.04 -9.81 19.56
CA GLU C 75 -3.83 -8.57 19.54
C GLU C 75 -3.18 -7.48 18.70
N GLU C 76 -1.88 -7.60 18.45
CA GLU C 76 -1.14 -6.60 17.69
C GLU C 76 -1.13 -6.85 16.19
N LEU C 77 -1.71 -7.96 15.77
CA LEU C 77 -1.77 -8.29 14.32
C LEU C 77 -2.48 -7.19 13.49
N PRO C 78 -1.95 -6.87 12.30
CA PRO C 78 -2.57 -5.87 11.43
C PRO C 78 -3.83 -6.41 10.72
N LEU C 79 -4.72 -5.52 10.29
CA LEU C 79 -5.83 -5.93 9.42
C LEU C 79 -5.29 -6.34 8.07
N SER C 80 -5.98 -7.28 7.41
CA SER C 80 -5.61 -7.71 6.06
C SER C 80 -5.72 -6.55 5.07
N LYS C 81 -6.63 -5.63 5.33
CA LYS C 81 -6.84 -4.45 4.48
C LYS C 81 -7.43 -3.31 5.34
N MSE C 82 -7.25 -2.07 4.89
CA MSE C 82 -7.86 -0.93 5.57
CA MSE C 82 -7.82 -0.91 5.56
C MSE C 82 -7.39 -0.82 7.04
O MSE C 82 -8.13 -0.38 7.92
CB MSE C 82 -9.39 -1.10 5.51
CB MSE C 82 -9.36 -0.96 5.45
CG MSE C 82 -10.21 0.18 5.56
CG MSE C 82 -9.96 0.37 5.06
SE MSE C 82 -12.12 -0.23 5.61
SE MSE C 82 -9.34 0.88 3.28
CE MSE C 82 -12.24 -0.85 7.47
CE MSE C 82 -9.65 2.80 3.40
N ASN C 83 -6.14 -1.26 7.29
CA ASN C 83 -5.48 -1.20 8.61
C ASN C 83 -5.17 0.27 8.96
N LEU C 84 -4.98 1.09 7.92
CA LEU C 84 -4.50 2.50 7.99
C LEU C 84 -3.88 2.95 9.32
N GLY C 85 -2.60 2.62 9.51
CA GLY C 85 -1.87 3.02 10.70
C GLY C 85 -2.24 2.21 11.94
N GLY C 86 -3.23 1.35 11.78
CA GLY C 86 -3.86 0.66 12.90
C GLY C 86 -5.15 1.32 13.31
N ILE C 87 -5.55 2.37 12.57
CA ILE C 87 -6.73 3.16 12.91
C ILE C 87 -8.02 2.54 12.35
N GLY C 88 -7.94 1.95 11.15
CA GLY C 88 -9.06 1.16 10.60
C GLY C 88 -9.21 -0.22 11.26
N LYS C 89 -8.11 -0.74 11.80
CA LYS C 89 -8.20 -1.80 12.79
C LYS C 89 -8.94 -1.24 14.01
N LYS C 90 -8.53 -0.05 14.43
CA LYS C 90 -9.23 0.69 15.48
C LYS C 90 -10.75 0.76 15.19
N MSE C 91 -11.11 1.00 13.93
CA MSE C 91 -12.52 1.04 13.50
C MSE C 91 -13.25 -0.29 13.69
O MSE C 91 -14.31 -0.33 14.29
CB MSE C 91 -12.61 1.47 12.02
CG MSE C 91 -14.03 1.49 11.47
SE MSE C 91 -14.24 2.44 9.76
CE MSE C 91 -16.06 3.10 10.01
N LEU C 92 -12.68 -1.37 13.15
CA LEU C 92 -13.21 -2.72 13.32
C LEU C 92 -13.33 -3.06 14.81
N LEU C 93 -12.30 -2.74 15.60
CA LEU C 93 -12.31 -3.00 17.05
C LEU C 93 -13.44 -2.27 17.76
N GLU C 94 -13.67 -1.01 17.40
CA GLU C 94 -14.73 -0.22 18.01
C GLU C 94 -16.12 -0.75 17.61
N MSE C 95 -16.27 -1.20 16.36
CA MSE C 95 -17.50 -1.83 15.91
C MSE C 95 -17.77 -3.17 16.62
O MSE C 95 -18.91 -3.47 16.95
CB MSE C 95 -17.50 -2.04 14.39
CG MSE C 95 -17.63 -0.75 13.63
SE MSE C 95 -17.47 -1.02 11.72
CE MSE C 95 -19.35 -1.00 11.26
N MSE C 96 -16.73 -3.94 16.84
CA MSE C 96 -16.87 -5.20 17.58
C MSE C 96 -17.24 -4.90 19.02
O MSE C 96 -18.11 -5.57 19.59
CB MSE C 96 -15.58 -6.00 17.52
CG MSE C 96 -15.29 -6.51 16.12
SE MSE C 96 -13.57 -7.33 16.03
CE MSE C 96 -14.03 -8.86 17.11
N LYS C 97 -16.61 -3.88 19.59
CA LYS C 97 -16.83 -3.49 20.97
C LYS C 97 -18.31 -3.12 21.20
N GLU C 98 -18.92 -2.42 20.24
CA GLU C 98 -20.34 -2.04 20.29
C GLU C 98 -21.26 -3.25 20.32
N GLU C 99 -20.80 -4.34 19.71
CA GLU C 99 -21.56 -5.56 19.59
C GLU C 99 -21.18 -6.52 20.73
N LYS C 100 -20.23 -6.09 21.56
CA LYS C 100 -19.59 -6.97 22.55
C LYS C 100 -19.12 -8.30 21.93
N ALA C 101 -18.59 -8.21 20.72
CA ALA C 101 -17.95 -9.34 20.07
C ALA C 101 -16.58 -9.53 20.72
N PRO C 102 -16.19 -10.77 21.06
CA PRO C 102 -14.89 -10.97 21.70
C PRO C 102 -13.70 -10.64 20.79
N LYS C 103 -12.64 -10.13 21.40
CA LYS C 103 -11.42 -9.76 20.71
C LYS C 103 -10.64 -11.01 20.33
N LEU C 104 -9.67 -10.84 19.44
CA LEU C 104 -8.87 -11.96 18.99
C LEU C 104 -8.22 -12.70 20.18
N SER C 105 -7.60 -11.95 21.10
CA SER C 105 -6.98 -12.53 22.29
CA SER C 105 -7.00 -12.50 22.32
C SER C 105 -7.96 -13.35 23.15
N ASP C 106 -9.20 -12.88 23.28
CA ASP C 106 -10.24 -13.65 23.98
C ASP C 106 -10.64 -14.95 23.24
N LEU C 107 -10.74 -14.87 21.92
CA LEU C 107 -10.99 -16.08 21.13
C LEU C 107 -9.81 -17.06 21.21
N LEU C 108 -8.59 -16.53 21.30
CA LEU C 108 -7.40 -17.37 21.39
C LEU C 108 -7.37 -18.10 22.72
N SER C 109 -7.69 -17.37 23.79
CA SER C 109 -7.80 -17.95 25.13
C SER C 109 -8.88 -18.99 25.19
N GLY C 110 -10.01 -18.73 24.52
CA GLY C 110 -11.11 -19.68 24.46
C GLY C 110 -10.70 -20.94 23.73
N ALA C 111 -10.01 -20.78 22.61
CA ALA C 111 -9.50 -21.89 21.81
C ALA C 111 -8.55 -22.76 22.62
N ARG C 112 -7.63 -22.13 23.34
CA ARG C 112 -6.71 -22.83 24.23
C ARG C 112 -7.45 -23.60 25.33
N LYS C 113 -8.43 -22.94 25.95
CA LYS C 113 -9.25 -23.57 26.98
C LYS C 113 -10.03 -24.77 26.47
N LYS C 114 -10.56 -24.68 25.23
CA LYS C 114 -11.36 -25.74 24.64
CA LYS C 114 -11.36 -25.74 24.64
C LYS C 114 -10.50 -26.85 24.03
N GLU C 115 -9.18 -26.71 24.15
CA GLU C 115 -8.23 -27.72 23.67
C GLU C 115 -8.24 -27.86 22.13
N VAL C 116 -8.31 -26.74 21.45
CA VAL C 116 -7.86 -26.67 20.07
C VAL C 116 -6.41 -27.04 20.10
N LYS C 117 -5.97 -27.86 19.14
CA LYS C 117 -4.56 -28.28 19.08
C LYS C 117 -3.83 -27.33 18.14
N PHE C 118 -2.79 -26.68 18.66
CA PHE C 118 -2.04 -25.67 17.93
C PHE C 118 -0.67 -26.23 17.61
N TYR C 119 -0.33 -26.19 16.34
CA TYR C 119 0.99 -26.65 15.91
C TYR C 119 1.68 -25.53 15.19
N ALA C 120 3.01 -25.49 15.31
CA ALA C 120 3.83 -24.52 14.64
C ALA C 120 4.67 -25.26 13.58
N OCS C 121 4.57 -24.80 12.35
CA OCS C 121 5.35 -25.34 11.24
CB OCS C 121 4.99 -24.59 9.97
SG OCS C 121 5.94 -25.08 8.52
C OCS C 121 6.85 -25.23 11.50
O OCS C 121 7.39 -24.12 11.66
OD1 OCS C 121 6.79 -24.04 8.12
OD2 OCS C 121 4.99 -25.31 7.49
OD3 OCS C 121 6.67 -26.26 8.73
N GLN C 122 7.52 -26.37 11.54
CA GLN C 122 8.92 -26.43 11.91
C GLN C 122 9.82 -25.56 11.01
N LEU C 123 9.58 -25.60 9.70
CA LEU C 123 10.42 -24.86 8.77
C LEU C 123 10.28 -23.35 9.02
N SER C 124 9.04 -22.87 9.14
CA SER C 124 8.77 -21.44 9.44
C SER C 124 9.40 -20.97 10.72
N VAL C 125 9.23 -21.78 11.77
CA VAL C 125 9.86 -21.55 13.05
C VAL C 125 11.37 -21.34 12.89
N GLU C 126 12.02 -22.24 12.15
CA GLU C 126 13.44 -22.16 11.94
C GLU C 126 13.81 -20.93 11.12
N ILE C 127 13.07 -20.65 10.04
CA ILE C 127 13.37 -19.49 9.21
C ILE C 127 13.24 -18.18 10.02
N MSE C 128 12.12 -18.03 10.71
CA MSE C 128 11.82 -16.77 11.41
C MSE C 128 12.53 -16.63 12.72
O MSE C 128 12.60 -15.54 13.31
CB MSE C 128 10.31 -16.67 11.61
CG MSE C 128 9.62 -16.38 10.33
SE MSE C 128 7.71 -16.55 10.45
CE MSE C 128 7.31 -15.59 8.83
N GLY C 129 13.08 -17.74 13.19
CA GLY C 129 13.98 -17.77 14.31
C GLY C 129 13.30 -17.89 15.65
N PHE C 130 12.00 -18.17 15.68
CA PHE C 130 11.29 -18.27 16.96
C PHE C 130 11.70 -19.53 17.68
N LYS C 131 11.75 -19.46 19.00
CA LYS C 131 12.02 -20.63 19.80
C LYS C 131 10.71 -21.09 20.44
N LYS C 132 10.64 -22.39 20.72
CA LYS C 132 9.49 -22.98 21.40
C LYS C 132 9.12 -22.17 22.64
N GLU C 133 10.13 -21.75 23.40
CA GLU C 133 9.89 -21.05 24.65
C GLU C 133 9.19 -19.68 24.46
N GLU C 134 9.26 -19.12 23.25
CA GLU C 134 8.58 -17.85 22.97
C GLU C 134 7.11 -17.99 22.62
N LEU C 135 6.64 -19.23 22.45
CA LEU C 135 5.27 -19.54 22.05
C LEU C 135 4.49 -20.12 23.24
N PHE C 136 3.17 -20.17 23.15
CA PHE C 136 2.36 -20.75 24.25
C PHE C 136 2.81 -22.17 24.53
N PRO C 137 2.82 -22.56 25.81
CA PRO C 137 3.43 -23.84 26.18
C PRO C 137 2.81 -25.07 25.50
N GLU C 138 1.52 -25.06 25.20
CA GLU C 138 0.87 -26.23 24.56
C GLU C 138 1.12 -26.39 23.06
N VAL C 139 1.78 -25.42 22.45
CA VAL C 139 2.15 -25.51 21.05
C VAL C 139 3.16 -26.63 20.84
N GLN C 140 2.92 -27.44 19.83
CA GLN C 140 3.87 -28.46 19.40
C GLN C 140 4.43 -28.08 18.04
N ILE C 141 5.72 -28.30 17.85
CA ILE C 141 6.36 -28.01 16.58
C ILE C 141 6.17 -29.24 15.70
N MSE C 142 5.63 -29.03 14.50
CA MSE C 142 5.31 -30.14 13.59
CA MSE C 142 5.18 -30.10 13.57
C MSE C 142 5.78 -29.80 12.19
O MSE C 142 5.75 -28.65 11.75
CB MSE C 142 3.82 -30.40 13.58
CB MSE C 142 3.61 -30.09 13.54
CG MSE C 142 3.25 -30.78 14.91
CG MSE C 142 2.84 -30.84 12.37
SE MSE C 142 3.93 -32.46 15.61
SE MSE C 142 0.83 -30.50 12.19
CE MSE C 142 2.42 -33.58 15.14
CE MSE C 142 0.21 -31.82 13.51
N ASP C 143 6.31 -30.81 11.49
CA ASP C 143 6.80 -30.56 10.13
C ASP C 143 5.66 -30.74 9.14
N VAL C 144 5.91 -30.39 7.89
CA VAL C 144 4.85 -30.40 6.87
C VAL C 144 4.26 -31.81 6.62
N LYS C 145 5.06 -32.86 6.83
CA LYS C 145 4.55 -34.23 6.63
C LYS C 145 3.52 -34.61 7.71
N GLU C 146 3.72 -34.09 8.93
CA GLU C 146 2.77 -34.26 10.01
CA GLU C 146 2.74 -34.25 10.01
C GLU C 146 1.50 -33.45 9.71
N TYR C 147 1.67 -32.27 9.11
CA TYR C 147 0.53 -31.49 8.65
C TYR C 147 -0.31 -32.34 7.67
N LEU C 148 0.35 -32.92 6.66
CA LEU C 148 -0.35 -33.70 5.63
C LEU C 148 -1.10 -34.93 6.18
N LYS C 149 -0.43 -35.69 7.03
CA LYS C 149 -1.06 -36.82 7.73
CA LYS C 149 -1.06 -36.82 7.69
C LYS C 149 -2.34 -36.39 8.41
N ASN C 150 -2.24 -35.31 9.19
CA ASN C 150 -3.38 -34.83 9.93
C ASN C 150 -4.49 -34.30 8.99
N ALA C 151 -4.11 -33.52 7.97
CA ALA C 151 -5.11 -32.97 7.05
C ALA C 151 -5.85 -34.09 6.30
N LEU C 152 -5.10 -35.12 5.93
CA LEU C 152 -5.68 -36.25 5.19
C LEU C 152 -6.66 -37.08 6.02
N GLU C 153 -6.53 -37.04 7.34
CA GLU C 153 -7.46 -37.75 8.22
C GLU C 153 -8.63 -36.86 8.65
N SER C 154 -8.63 -35.60 8.24
CA SER C 154 -9.66 -34.64 8.65
C SER C 154 -10.85 -34.65 7.72
N ASP C 155 -11.97 -34.15 8.21
CA ASP C 155 -13.21 -34.05 7.45
C ASP C 155 -13.41 -32.66 6.79
N LEU C 156 -12.74 -31.65 7.32
CA LEU C 156 -12.78 -30.28 6.81
C LEU C 156 -11.35 -29.76 6.87
N GLN C 157 -10.85 -29.26 5.74
CA GLN C 157 -9.48 -28.79 5.63
C GLN C 157 -9.51 -27.43 4.91
N LEU C 158 -8.97 -26.40 5.55
CA LEU C 158 -8.97 -25.07 4.94
C LEU C 158 -7.59 -24.47 5.03
N PHE C 159 -7.29 -23.57 4.09
CA PHE C 159 -6.04 -22.81 4.13
C PHE C 159 -6.45 -21.31 4.27
N ILE C 160 -5.97 -20.67 5.32
CA ILE C 160 -6.39 -19.31 5.66
C ILE C 160 -5.19 -18.39 5.62
N GLY D 1 22.58 38.93 -14.43
CA GLY D 1 22.66 37.55 -14.98
C GLY D 1 22.43 36.49 -13.92
N MSE D 2 22.82 35.25 -14.22
CA MSE D 2 22.60 34.11 -13.33
C MSE D 2 23.84 33.72 -12.52
O MSE D 2 23.73 32.95 -11.55
CB MSE D 2 22.15 32.90 -14.15
CG MSE D 2 20.91 33.13 -15.00
SE MSE D 2 19.24 32.85 -14.04
CE MSE D 2 19.09 34.57 -13.13
N GLU D 3 25.00 34.25 -12.90
CA GLU D 3 26.30 33.79 -12.39
C GLU D 3 26.43 33.69 -10.87
N ASN D 4 25.95 34.69 -10.12
CA ASN D 4 26.10 34.63 -8.66
C ASN D 4 24.85 34.11 -7.91
N LYS D 5 23.92 33.52 -8.65
CA LYS D 5 22.69 33.03 -8.04
C LYS D 5 22.97 31.71 -7.33
N LYS D 6 22.20 31.45 -6.26
CA LYS D 6 22.38 30.28 -5.43
C LYS D 6 21.05 29.54 -5.28
N MSE D 7 21.12 28.20 -5.31
CA MSE D 7 19.91 27.35 -5.18
C MSE D 7 20.16 26.34 -4.07
O MSE D 7 21.23 25.71 -4.01
CB MSE D 7 19.59 26.65 -6.50
CG MSE D 7 18.49 25.60 -6.34
SE MSE D 7 17.80 24.90 -8.03
CE MSE D 7 19.30 23.78 -8.49
N ASN D 8 19.17 26.19 -3.19
CA ASN D 8 19.23 25.27 -2.07
C ASN D 8 18.05 24.31 -2.22
N LEU D 9 18.35 23.03 -2.36
CA LEU D 9 17.33 21.98 -2.36
C LEU D 9 17.45 21.18 -1.07
N LEU D 10 16.36 21.08 -0.33
CA LEU D 10 16.31 20.15 0.80
C LEU D 10 15.65 18.88 0.28
N LEU D 11 16.49 17.89 0.02
CA LEU D 11 16.03 16.57 -0.39
C LEU D 11 15.70 15.69 0.81
N PHE D 12 14.41 15.63 1.12
CA PHE D 12 13.87 14.77 2.16
C PHE D 12 13.48 13.42 1.60
N SER D 13 12.97 13.41 0.37
CA SER D 13 12.40 12.20 -0.19
C SER D 13 13.50 11.25 -0.66
N GLY D 14 13.26 9.95 -0.48
CA GLY D 14 14.21 8.92 -0.93
C GLY D 14 13.61 8.17 -2.12
N ASP D 15 12.89 8.91 -2.96
CA ASP D 15 12.18 8.30 -4.07
C ASP D 15 12.99 8.53 -5.34
N TYR D 16 13.09 7.51 -6.17
CA TYR D 16 13.85 7.58 -7.42
C TYR D 16 13.42 8.79 -8.28
N ASP D 17 12.12 8.96 -8.47
CA ASP D 17 11.62 10.00 -9.36
C ASP D 17 11.82 11.41 -8.80
N LYS D 18 11.73 11.54 -7.49
CA LYS D 18 11.98 12.82 -6.85
C LYS D 18 13.46 13.19 -6.89
N ALA D 19 14.33 12.20 -6.70
CA ALA D 19 15.77 12.42 -6.82
C ALA D 19 16.11 12.80 -8.25
N LEU D 20 15.46 12.13 -9.21
CA LEU D 20 15.62 12.44 -10.61
C LEU D 20 15.28 13.91 -10.90
N ALA D 21 14.13 14.37 -10.43
CA ALA D 21 13.75 15.77 -10.61
C ALA D 21 14.82 16.69 -10.00
N SER D 22 15.26 16.36 -8.79
CA SER D 22 16.19 17.21 -8.07
CA SER D 22 16.22 17.18 -8.06
C SER D 22 17.52 17.33 -8.84
N LEU D 23 18.01 16.23 -9.40
CA LEU D 23 19.30 16.27 -10.09
C LEU D 23 19.20 16.81 -11.51
N ILE D 24 18.07 16.62 -12.17
CA ILE D 24 17.82 17.28 -13.45
C ILE D 24 17.85 18.80 -13.24
N ILE D 25 17.20 19.28 -12.21
CA ILE D 25 17.21 20.70 -11.89
C ILE D 25 18.62 21.16 -11.51
N ALA D 26 19.28 20.40 -10.65
CA ALA D 26 20.62 20.75 -10.16
C ALA D 26 21.66 20.83 -11.28
N ASN D 27 21.70 19.82 -12.15
CA ASN D 27 22.63 19.80 -13.29
C ASN D 27 22.41 20.95 -14.29
N ALA D 28 21.16 21.29 -14.57
CA ALA D 28 20.84 22.42 -15.43
C ALA D 28 21.28 23.73 -14.76
N ALA D 29 21.06 23.84 -13.45
CA ALA D 29 21.46 25.03 -12.70
C ALA D 29 22.97 25.23 -12.80
N ARG D 30 23.74 24.17 -12.58
CA ARG D 30 25.20 24.26 -12.68
C ARG D 30 25.63 24.74 -14.05
N GLU D 31 24.96 24.26 -15.10
CA GLU D 31 25.26 24.69 -16.47
C GLU D 31 24.98 26.17 -16.69
N MSE D 32 24.06 26.74 -15.90
CA MSE D 32 23.82 28.19 -15.92
C MSE D 32 24.74 28.92 -14.92
O MSE D 32 24.54 30.10 -14.65
CB MSE D 32 22.34 28.48 -15.63
CG MSE D 32 21.37 27.82 -16.60
SE MSE D 32 19.52 27.84 -15.93
CE MSE D 32 19.25 29.76 -15.97
N GLU D 33 25.75 28.21 -14.41
CA GLU D 33 26.68 28.73 -13.40
C GLU D 33 26.02 29.09 -12.05
N ILE D 34 24.87 28.48 -11.75
CA ILE D 34 24.24 28.66 -10.46
C ILE D 34 24.94 27.77 -9.43
N GLU D 35 25.21 28.31 -8.25
CA GLU D 35 25.72 27.53 -7.16
C GLU D 35 24.55 26.71 -6.60
N VAL D 36 24.76 25.40 -6.47
CA VAL D 36 23.71 24.49 -6.02
C VAL D 36 24.15 23.75 -4.77
N THR D 37 23.32 23.83 -3.74
CA THR D 37 23.51 23.10 -2.50
C THR D 37 22.36 22.11 -2.35
N ILE D 38 22.66 20.85 -2.12
CA ILE D 38 21.62 19.87 -1.82
C ILE D 38 21.83 19.33 -0.40
N PHE D 39 20.88 19.64 0.47
CA PHE D 39 20.90 19.21 1.86
C PHE D 39 20.01 18.00 1.97
N CYS D 40 20.62 16.83 2.17
CA CYS D 40 19.87 15.56 2.25
C CYS D 40 19.55 15.25 3.69
N ALA D 41 18.28 14.98 3.94
CA ALA D 41 17.79 14.72 5.28
C ALA D 41 16.88 13.50 5.22
N PHE D 42 16.82 12.77 6.32
CA PHE D 42 16.00 11.56 6.40
C PHE D 42 16.21 10.65 5.17
N TRP D 43 15.16 10.32 4.42
CA TRP D 43 15.24 9.36 3.32
C TRP D 43 16.16 9.82 2.18
N GLY D 44 16.27 11.13 2.02
CA GLY D 44 17.16 11.72 1.04
C GLY D 44 18.63 11.34 1.17
N LEU D 45 19.05 10.96 2.39
CA LEU D 45 20.43 10.49 2.65
C LEU D 45 20.82 9.27 1.84
N LEU D 46 19.83 8.45 1.50
CA LEU D 46 20.02 7.22 0.73
C LEU D 46 20.63 7.51 -0.65
N LEU D 47 20.31 8.69 -1.20
CA LEU D 47 20.95 9.19 -2.41
C LEU D 47 22.50 9.17 -2.31
N LEU D 48 23.01 9.45 -1.12
CA LEU D 48 24.43 9.67 -0.90
C LEU D 48 25.22 8.39 -0.59
N ARG D 49 24.54 7.25 -0.47
CA ARG D 49 25.25 6.02 -0.11
C ARG D 49 26.19 5.53 -1.21
N ASP D 50 27.43 5.27 -0.82
CA ASP D 50 28.41 4.71 -1.73
C ASP D 50 28.35 3.21 -1.61
N PRO D 51 27.90 2.53 -2.67
CA PRO D 51 27.69 1.09 -2.59
C PRO D 51 28.97 0.32 -2.30
N GLU D 52 30.10 0.84 -2.80
CA GLU D 52 31.40 0.17 -2.58
C GLU D 52 32.08 0.60 -1.27
N LYS D 53 31.31 0.95 -0.24
CA LYS D 53 31.87 1.34 1.06
C LYS D 53 31.00 1.01 2.28
N ALA D 54 29.95 0.20 2.10
CA ALA D 54 29.04 -0.11 3.18
C ALA D 54 29.77 -0.87 4.31
N SER D 55 29.25 -0.71 5.52
CA SER D 55 29.84 -1.33 6.71
C SER D 55 28.76 -1.52 7.76
N GLN D 56 28.85 -2.61 8.51
CA GLN D 56 27.90 -2.89 9.58
C GLN D 56 28.55 -2.75 10.95
N GLU D 57 29.82 -2.35 10.96
CA GLU D 57 30.58 -2.21 12.20
C GLU D 57 30.15 -0.95 12.94
N ASP D 58 30.19 -1.01 14.27
CA ASP D 58 29.92 0.14 15.11
C ASP D 58 28.49 0.67 14.96
N LYS D 59 27.54 -0.24 14.73
CA LYS D 59 26.12 0.11 14.65
C LYS D 59 25.30 -0.76 15.59
N SER D 60 24.19 -0.22 16.08
CA SER D 60 23.24 -1.00 16.87
C SER D 60 22.48 -1.97 15.97
N LEU D 61 21.73 -2.90 16.58
CA LEU D 61 20.91 -3.86 15.84
C LEU D 61 20.02 -3.13 14.83
N TYR D 62 19.29 -2.11 15.26
CA TYR D 62 18.36 -1.43 14.38
C TYR D 62 19.05 -0.66 13.29
N GLU D 63 20.20 -0.05 13.62
CA GLU D 63 21.01 0.62 12.62
C GLU D 63 21.53 -0.34 11.56
N GLN D 64 21.97 -1.53 11.99
CA GLN D 64 22.47 -2.54 11.05
C GLN D 64 21.35 -3.02 10.16
N ALA D 65 20.19 -3.25 10.76
CA ALA D 65 19.00 -3.71 10.04
C ALA D 65 18.53 -2.65 9.04
N PHE D 66 18.42 -1.41 9.49
CA PHE D 66 18.06 -0.30 8.60
C PHE D 66 18.97 -0.22 7.39
N SER D 67 20.27 -0.23 7.61
CA SER D 67 21.25 -0.09 6.52
C SER D 67 21.23 -1.26 5.54
N SER D 68 21.01 -2.45 6.06
CA SER D 68 21.12 -3.68 5.30
C SER D 68 19.94 -3.87 4.36
N LEU D 69 18.79 -3.35 4.79
CA LEU D 69 17.52 -3.52 4.11
C LEU D 69 17.15 -2.40 3.10
N THR D 70 17.47 -1.14 3.44
CA THR D 70 17.14 0.01 2.61
C THR D 70 18.02 0.03 1.36
N PRO D 71 17.61 0.77 0.31
CA PRO D 71 18.39 0.95 -0.91
C PRO D 71 19.86 1.26 -0.61
N ARG D 72 20.76 0.54 -1.27
CA ARG D 72 22.19 0.65 -0.96
C ARG D 72 22.89 1.71 -1.80
N GLU D 73 22.15 2.28 -2.75
CA GLU D 73 22.66 3.32 -3.63
C GLU D 73 21.51 3.95 -4.38
N ALA D 74 21.78 5.09 -5.01
CA ALA D 74 20.77 5.88 -5.67
C ALA D 74 19.93 5.06 -6.66
N GLU D 75 20.56 4.18 -7.42
CA GLU D 75 19.83 3.46 -8.45
C GLU D 75 18.77 2.50 -7.90
N GLU D 76 18.92 2.09 -6.64
CA GLU D 76 17.98 1.21 -5.96
C GLU D 76 16.79 1.93 -5.29
N LEU D 77 16.71 3.25 -5.38
CA LEU D 77 15.57 3.96 -4.77
C LEU D 77 14.24 3.55 -5.45
N PRO D 78 13.17 3.39 -4.66
CA PRO D 78 11.87 3.03 -5.23
C PRO D 78 11.19 4.23 -5.86
N LEU D 79 10.26 4.01 -6.79
CA LEU D 79 9.37 5.08 -7.26
C LEU D 79 8.44 5.57 -6.15
N SER D 80 8.07 6.85 -6.19
CA SER D 80 7.12 7.41 -5.22
C SER D 80 5.72 6.89 -5.48
N LYS D 81 5.44 6.54 -6.73
CA LYS D 81 4.13 6.05 -7.19
C LYS D 81 4.37 4.86 -8.12
N MSE D 82 3.55 3.81 -8.00
CA MSE D 82 3.45 2.82 -9.07
C MSE D 82 4.77 2.02 -9.22
O MSE D 82 5.09 1.57 -10.33
CB MSE D 82 3.14 3.60 -10.36
CG MSE D 82 2.26 2.92 -11.37
SE MSE D 82 1.93 4.18 -12.83
CE MSE D 82 1.38 2.89 -14.19
N ASN D 83 5.52 1.90 -8.13
CA ASN D 83 6.79 1.15 -8.10
C ASN D 83 6.57 -0.32 -8.43
N LEU D 84 5.40 -0.83 -8.04
CA LEU D 84 4.95 -2.21 -8.33
C LEU D 84 6.01 -3.26 -7.99
N GLY D 85 6.58 -3.14 -6.79
CA GLY D 85 7.62 -4.07 -6.35
C GLY D 85 8.92 -3.93 -7.13
N GLY D 86 9.10 -2.79 -7.79
CA GLY D 86 10.26 -2.54 -8.63
C GLY D 86 10.00 -2.60 -10.13
N ILE D 87 8.81 -3.06 -10.53
CA ILE D 87 8.52 -3.31 -11.94
C ILE D 87 8.03 -2.05 -12.65
N GLY D 88 7.27 -1.22 -11.94
CA GLY D 88 6.75 0.04 -12.49
C GLY D 88 7.86 1.10 -12.54
N LYS D 89 8.85 0.91 -11.69
CA LYS D 89 10.13 1.56 -11.84
C LYS D 89 10.80 1.02 -13.10
N LYS D 90 10.68 -0.29 -13.32
CA LYS D 90 11.14 -0.90 -14.58
C LYS D 90 10.39 -0.33 -15.81
N MSE D 91 9.12 0.01 -15.67
CA MSE D 91 8.36 0.72 -16.72
C MSE D 91 9.02 2.08 -17.01
O MSE D 91 9.43 2.34 -18.14
CB MSE D 91 6.87 0.90 -16.35
CG MSE D 91 5.96 1.27 -17.53
SE MSE D 91 4.03 1.53 -17.10
CE MSE D 91 3.29 1.29 -18.88
N LEU D 92 9.11 2.92 -15.99
CA LEU D 92 9.76 4.24 -16.10
C LEU D 92 11.13 4.12 -16.77
N LEU D 93 11.97 3.22 -16.27
CA LEU D 93 13.33 3.07 -16.78
C LEU D 93 13.34 2.69 -18.25
N GLU D 94 12.40 1.86 -18.67
CA GLU D 94 12.32 1.45 -20.07
C GLU D 94 11.93 2.64 -20.95
N MSE D 95 10.99 3.43 -20.47
CA MSE D 95 10.53 4.60 -21.19
C MSE D 95 11.63 5.64 -21.30
O MSE D 95 11.72 6.32 -22.32
CB MSE D 95 9.29 5.18 -20.51
CG MSE D 95 8.09 4.26 -20.61
SE MSE D 95 6.61 4.91 -19.55
CE MSE D 95 5.91 6.20 -20.80
N MSE D 96 12.43 5.78 -20.26
CA MSE D 96 13.60 6.67 -20.26
C MSE D 96 14.70 6.21 -21.23
O MSE D 96 15.32 7.02 -21.90
CB MSE D 96 14.20 6.77 -18.84
CG MSE D 96 13.31 7.53 -17.88
SE MSE D 96 14.00 7.57 -16.06
CE MSE D 96 15.35 8.92 -16.33
N LYS D 97 14.94 4.89 -21.26
CA LYS D 97 15.90 4.30 -22.18
C LYS D 97 15.53 4.59 -23.64
N GLU D 98 14.24 4.46 -23.96
CA GLU D 98 13.71 4.83 -25.27
C GLU D 98 14.01 6.28 -25.70
N GLU D 99 14.03 7.20 -24.73
CA GLU D 99 14.31 8.61 -24.98
CA GLU D 99 14.31 8.61 -24.99
C GLU D 99 15.77 8.95 -24.73
N LYS D 100 16.54 7.95 -24.32
CA LYS D 100 17.94 8.16 -23.95
C LYS D 100 18.06 9.21 -22.85
N ALA D 101 17.11 9.21 -21.92
CA ALA D 101 17.19 10.06 -20.75
C ALA D 101 18.10 9.33 -19.76
N PRO D 102 19.11 10.03 -19.21
CA PRO D 102 20.01 9.32 -18.31
C PRO D 102 19.37 8.84 -17.00
N LYS D 103 19.87 7.71 -16.52
CA LYS D 103 19.45 7.11 -15.24
C LYS D 103 19.84 8.03 -14.10
N LEU D 104 19.22 7.81 -12.95
CA LEU D 104 19.51 8.58 -11.76
C LEU D 104 21.02 8.56 -11.45
N SER D 105 21.65 7.38 -11.50
CA SER D 105 23.07 7.30 -11.11
C SER D 105 24.00 8.08 -12.06
N ASP D 106 23.61 8.22 -13.32
CA ASP D 106 24.37 9.07 -14.27
C ASP D 106 24.16 10.55 -13.98
N LEU D 107 22.92 10.94 -13.67
CA LEU D 107 22.65 12.30 -13.21
C LEU D 107 23.45 12.65 -11.96
N LEU D 108 23.55 11.70 -11.03
CA LEU D 108 24.30 11.88 -9.80
C LEU D 108 25.80 12.05 -10.06
N SER D 109 26.37 11.24 -10.95
CA SER D 109 27.77 11.41 -11.35
C SER D 109 28.05 12.77 -11.96
N GLY D 110 27.15 13.23 -12.81
CA GLY D 110 27.23 14.55 -13.40
C GLY D 110 27.20 15.65 -12.35
N ALA D 111 26.25 15.57 -11.43
CA ALA D 111 26.14 16.52 -10.32
C ALA D 111 27.47 16.59 -9.55
N ARG D 112 28.03 15.42 -9.25
CA ARG D 112 29.31 15.35 -8.55
C ARG D 112 30.48 15.98 -9.35
N LYS D 113 30.52 15.69 -10.64
CA LYS D 113 31.51 16.26 -11.57
C LYS D 113 31.40 17.79 -11.66
N LYS D 114 30.17 18.28 -11.76
CA LYS D 114 29.87 19.72 -11.87
C LYS D 114 29.92 20.44 -10.53
N GLU D 115 30.19 19.70 -9.46
CA GLU D 115 30.43 20.27 -8.13
C GLU D 115 29.17 20.92 -7.51
N VAL D 116 28.04 20.25 -7.71
CA VAL D 116 26.90 20.43 -6.82
C VAL D 116 27.44 20.09 -5.45
N LYS D 117 27.13 20.90 -4.44
CA LYS D 117 27.60 20.60 -3.08
C LYS D 117 26.55 19.75 -2.39
N PHE D 118 26.97 18.58 -1.91
CA PHE D 118 26.08 17.64 -1.24
C PHE D 118 26.36 17.68 0.24
N TYR D 119 25.33 17.90 1.03
CA TYR D 119 25.44 17.86 2.48
C TYR D 119 24.46 16.85 3.05
N ALA D 120 24.82 16.28 4.21
CA ALA D 120 24.02 15.30 4.90
C ALA D 120 23.63 15.86 6.27
N OCS D 121 22.33 15.89 6.52
CA OCS D 121 21.78 16.38 7.77
CB OCS D 121 20.26 16.32 7.72
SG OCS D 121 19.41 16.82 9.22
C OCS D 121 22.33 15.59 8.96
O OCS D 121 22.17 14.36 9.02
OD1 OCS D 121 18.65 15.74 9.76
OD2 OCS D 121 18.51 17.89 8.94
OD3 OCS D 121 20.33 17.28 10.17
N GLN D 122 23.00 16.28 9.89
CA GLN D 122 23.66 15.63 11.00
C GLN D 122 22.73 14.78 11.85
N LEU D 123 21.56 15.32 12.18
CA LEU D 123 20.64 14.58 13.04
C LEU D 123 20.17 13.30 12.35
N SER D 124 19.78 13.42 11.07
CA SER D 124 19.35 12.26 10.23
C SER D 124 20.43 11.19 10.14
N VAL D 125 21.65 11.63 9.86
CA VAL D 125 22.82 10.75 9.83
C VAL D 125 22.96 9.96 11.14
N GLU D 126 22.81 10.65 12.27
CA GLU D 126 22.97 10.02 13.58
C GLU D 126 21.82 9.03 13.85
N ILE D 127 20.59 9.46 13.58
CA ILE D 127 19.43 8.61 13.79
C ILE D 127 19.57 7.32 12.95
N MSE D 128 19.84 7.48 11.66
CA MSE D 128 19.84 6.33 10.75
C MSE D 128 21.11 5.47 10.85
O MSE D 128 21.13 4.35 10.37
CB MSE D 128 19.59 6.81 9.33
CG MSE D 128 18.18 7.36 9.19
SE MSE D 128 17.84 8.09 7.45
CE MSE D 128 15.94 8.13 7.57
N GLY D 129 22.13 6.03 11.50
CA GLY D 129 23.36 5.32 11.83
C GLY D 129 24.44 5.29 10.78
N PHE D 130 24.30 6.09 9.71
CA PHE D 130 25.30 6.10 8.64
C PHE D 130 26.58 6.79 9.10
N LYS D 131 27.72 6.27 8.68
CA LYS D 131 28.99 6.90 8.92
C LYS D 131 29.43 7.65 7.66
N LYS D 132 30.29 8.64 7.86
CA LYS D 132 30.85 9.44 6.77
C LYS D 132 31.43 8.55 5.65
N GLU D 133 32.14 7.50 6.04
CA GLU D 133 32.79 6.62 5.08
C GLU D 133 31.82 5.81 4.22
N GLU D 134 30.55 5.74 4.62
CA GLU D 134 29.51 5.02 3.84
C GLU D 134 28.85 5.91 2.77
N LEU D 135 29.13 7.19 2.82
CA LEU D 135 28.64 8.15 1.83
C LEU D 135 29.79 8.59 0.90
N PHE D 136 29.46 9.21 -0.23
CA PHE D 136 30.47 9.72 -1.15
C PHE D 136 31.42 10.66 -0.44
N PRO D 137 32.74 10.57 -0.75
CA PRO D 137 33.77 11.32 -0.02
C PRO D 137 33.53 12.83 0.09
N GLU D 138 32.99 13.46 -0.95
CA GLU D 138 32.81 14.91 -0.97
C GLU D 138 31.58 15.42 -0.21
N VAL D 139 30.75 14.51 0.29
CA VAL D 139 29.64 14.87 1.16
C VAL D 139 30.17 15.47 2.46
N GLN D 140 29.56 16.55 2.93
CA GLN D 140 29.88 17.10 4.24
C GLN D 140 28.67 17.01 5.16
N ILE D 141 28.92 16.66 6.41
CA ILE D 141 27.87 16.59 7.41
C ILE D 141 27.58 18.00 7.93
N MSE D 142 26.33 18.44 7.77
CA MSE D 142 25.94 19.79 8.14
CA MSE D 142 25.87 19.82 8.02
C MSE D 142 24.70 19.72 9.02
O MSE D 142 23.82 18.88 8.83
CB MSE D 142 25.64 20.64 6.90
CB MSE D 142 25.40 20.42 6.65
CG MSE D 142 26.84 20.87 6.03
CG MSE D 142 24.66 21.80 6.66
SE MSE D 142 28.23 21.88 6.95
SE MSE D 142 23.85 22.43 4.91
CE MSE D 142 27.76 23.66 6.29
CE MSE D 142 24.79 24.13 4.78
N ASP D 143 24.69 20.56 10.06
CA ASP D 143 23.53 20.56 10.96
CA ASP D 143 23.56 20.57 10.99
C ASP D 143 22.46 21.50 10.45
N VAL D 144 21.29 21.46 11.06
CA VAL D 144 20.13 22.22 10.57
C VAL D 144 20.32 23.75 10.59
N LYS D 145 21.07 24.27 11.55
CA LYS D 145 21.39 25.70 11.56
C LYS D 145 22.27 26.10 10.37
N GLU D 146 23.15 25.18 9.94
CA GLU D 146 23.97 25.42 8.77
CA GLU D 146 23.97 25.42 8.75
C GLU D 146 23.10 25.38 7.51
N TYR D 147 22.12 24.48 7.48
CA TYR D 147 21.14 24.49 6.42
C TYR D 147 20.44 25.86 6.36
N LEU D 148 19.90 26.31 7.49
CA LEU D 148 19.12 27.56 7.54
C LEU D 148 19.97 28.78 7.14
N LYS D 149 21.20 28.83 7.63
CA LYS D 149 22.11 29.92 7.26
C LYS D 149 22.27 29.92 5.74
N ASN D 150 22.50 28.75 5.15
CA ASN D 150 22.67 28.64 3.71
C ASN D 150 21.36 28.90 2.94
N ALA D 151 20.23 28.40 3.44
CA ALA D 151 18.95 28.63 2.73
C ALA D 151 18.54 30.12 2.72
N LEU D 152 18.79 30.82 3.82
CA LEU D 152 18.49 32.26 3.91
C LEU D 152 19.34 33.11 2.97
N GLU D 153 20.54 32.63 2.62
CA GLU D 153 21.40 33.33 1.68
C GLU D 153 21.12 32.95 0.23
N SER D 154 20.23 31.98 0.02
CA SER D 154 19.95 31.45 -1.31
CA SER D 154 19.97 31.46 -1.31
C SER D 154 18.87 32.26 -2.01
N ASP D 155 18.77 32.09 -3.32
CA ASP D 155 17.80 32.78 -4.15
C ASP D 155 16.57 31.93 -4.51
N LEU D 156 16.75 30.61 -4.45
CA LEU D 156 15.70 29.64 -4.76
C LEU D 156 15.87 28.52 -3.73
N GLN D 157 14.83 28.31 -2.91
CA GLN D 157 14.85 27.29 -1.89
C GLN D 157 13.63 26.37 -2.07
N LEU D 158 13.88 25.06 -2.14
CA LEU D 158 12.80 24.08 -2.27
C LEU D 158 12.99 22.94 -1.28
N PHE D 159 11.87 22.28 -0.97
CA PHE D 159 11.83 21.09 -0.14
C PHE D 159 11.21 20.00 -1.00
N ILE D 160 11.97 18.94 -1.23
CA ILE D 160 11.58 17.86 -2.14
C ILE D 160 11.44 16.53 -1.39
N ASN E 4 16.22 39.70 11.99
CA ASN E 4 14.85 40.09 11.51
C ASN E 4 14.34 39.17 10.37
N LYS E 5 15.01 38.04 10.17
CA LYS E 5 14.60 37.10 9.12
C LYS E 5 13.31 36.40 9.48
N LYS E 6 12.57 36.00 8.45
CA LYS E 6 11.29 35.33 8.59
C LYS E 6 11.24 34.06 7.73
N MSE E 7 10.66 33.01 8.29
CA MSE E 7 10.46 31.75 7.56
C MSE E 7 9.00 31.36 7.58
O MSE E 7 8.32 31.45 8.61
CB MSE E 7 11.31 30.65 8.18
CG MSE E 7 11.15 29.31 7.50
SE MSE E 7 12.36 28.01 8.29
CE MSE E 7 11.47 27.79 9.98
N ASN E 8 8.51 30.87 6.44
CA ASN E 8 7.15 30.38 6.29
C ASN E 8 7.16 28.96 5.76
N LEU E 9 6.63 28.03 6.55
CA LEU E 9 6.45 26.66 6.13
C LEU E 9 4.97 26.42 5.90
N LEU E 10 4.64 25.93 4.72
CA LEU E 10 3.29 25.39 4.45
C LEU E 10 3.31 23.88 4.69
N LEU E 11 2.73 23.43 5.80
CA LEU E 11 2.69 22.01 6.12
C LEU E 11 1.37 21.41 5.63
N PHE E 12 1.47 20.79 4.47
CA PHE E 12 0.39 20.06 3.84
C PHE E 12 0.34 18.58 4.28
N SER E 13 1.51 18.01 4.47
CA SER E 13 1.65 16.61 4.82
C SER E 13 1.28 16.36 6.27
N GLY E 14 0.61 15.25 6.52
CA GLY E 14 0.28 14.84 7.87
C GLY E 14 1.06 13.59 8.24
N ASP E 15 2.35 13.58 7.87
CA ASP E 15 3.23 12.45 8.08
C ASP E 15 4.17 12.75 9.24
N TYR E 16 4.38 11.76 10.10
CA TYR E 16 5.21 11.93 11.30
C TYR E 16 6.61 12.45 10.94
N ASP E 17 7.23 11.82 9.97
CA ASP E 17 8.60 12.15 9.57
C ASP E 17 8.69 13.53 8.92
N LYS E 18 7.69 13.91 8.11
CA LYS E 18 7.68 15.27 7.52
C LYS E 18 7.42 16.36 8.56
N ALA E 19 6.53 16.10 9.51
CA ALA E 19 6.32 17.03 10.64
C ALA E 19 7.58 17.16 11.50
N LEU E 20 8.26 16.04 11.73
CA LEU E 20 9.51 16.02 12.48
C LEU E 20 10.53 16.96 11.81
N ALA E 21 10.71 16.82 10.51
CA ALA E 21 11.60 17.70 9.75
C ALA E 21 11.21 19.17 9.86
N SER E 22 9.91 19.44 9.74
CA SER E 22 9.43 20.82 9.79
CA SER E 22 9.39 20.80 9.81
C SER E 22 9.70 21.45 11.16
N LEU E 23 9.51 20.70 12.25
CA LEU E 23 9.73 21.23 13.60
C LEU E 23 11.20 21.26 14.05
N ILE E 24 12.01 20.32 13.55
CA ILE E 24 13.45 20.41 13.73
C ILE E 24 13.91 21.75 13.14
N ILE E 25 13.48 22.02 11.91
CA ILE E 25 13.82 23.28 11.24
C ILE E 25 13.26 24.50 11.99
N ALA E 26 11.97 24.45 12.34
CA ALA E 26 11.35 25.57 13.04
C ALA E 26 12.03 25.92 14.38
N ASN E 27 12.28 24.91 15.21
CA ASN E 27 12.88 25.14 16.54
C ASN E 27 14.28 25.77 16.41
N ALA E 28 15.06 25.23 15.48
CA ALA E 28 16.39 25.73 15.19
C ALA E 28 16.34 27.18 14.73
N ALA E 29 15.37 27.50 13.90
CA ALA E 29 15.15 28.85 13.40
C ALA E 29 14.87 29.81 14.55
N ARG E 30 13.95 29.43 15.44
CA ARG E 30 13.61 30.26 16.59
C ARG E 30 14.84 30.53 17.47
N GLU E 31 15.73 29.55 17.61
CA GLU E 31 16.98 29.70 18.33
C GLU E 31 17.92 30.70 17.67
N MSE E 32 17.80 30.85 16.35
CA MSE E 32 18.53 31.88 15.60
C MSE E 32 17.76 33.21 15.52
O MSE E 32 18.12 34.09 14.74
CB MSE E 32 18.82 31.36 14.19
CG MSE E 32 19.72 30.14 14.17
SE MSE E 32 19.76 29.30 12.42
CE MSE E 32 20.99 30.56 11.60
N GLU E 33 16.71 33.34 16.33
CA GLU E 33 15.88 34.53 16.38
C GLU E 33 15.19 34.83 15.03
N ILE E 34 14.95 33.78 14.25
CA ILE E 34 14.14 33.88 13.04
C ILE E 34 12.68 33.71 13.43
N GLU E 35 11.81 34.56 12.87
CA GLU E 35 10.37 34.45 13.07
CA GLU E 35 10.36 34.47 13.06
C GLU E 35 9.84 33.31 12.21
N VAL E 36 9.10 32.39 12.84
CA VAL E 36 8.58 31.23 12.11
C VAL E 36 7.06 31.20 12.10
N THR E 37 6.52 31.10 10.88
CA THR E 37 5.11 30.90 10.65
C THR E 37 4.92 29.50 10.04
N ILE E 38 4.07 28.69 10.66
CA ILE E 38 3.69 27.41 10.06
C ILE E 38 2.22 27.41 9.74
N PHE E 39 1.91 27.37 8.44
CA PHE E 39 0.57 27.34 7.91
C PHE E 39 0.21 25.88 7.61
N CYS E 40 -0.69 25.31 8.41
CA CYS E 40 -1.05 23.90 8.26
C CYS E 40 -2.31 23.78 7.42
N ALA E 41 -2.25 22.93 6.39
CA ALA E 41 -3.35 22.77 5.44
C ALA E 41 -3.60 21.31 5.18
N PHE E 42 -4.84 20.98 4.82
CA PHE E 42 -5.24 19.60 4.62
C PHE E 42 -4.70 18.69 5.74
N TRP E 43 -3.84 17.71 5.42
CA TRP E 43 -3.42 16.69 6.42
C TRP E 43 -2.55 17.31 7.51
N GLY E 44 -1.89 18.42 7.19
CA GLY E 44 -1.07 19.15 8.14
C GLY E 44 -1.79 19.65 9.39
N LEU E 45 -3.10 19.87 9.26
CA LEU E 45 -3.95 20.28 10.37
C LEU E 45 -3.94 19.27 11.51
N LEU E 46 -3.72 18.00 11.19
CA LEU E 46 -3.66 16.94 12.19
C LEU E 46 -2.56 17.17 13.25
N LEU E 47 -1.52 17.91 12.87
CA LEU E 47 -0.45 18.26 13.78
C LEU E 47 -0.97 19.15 14.93
N LEU E 48 -2.00 19.95 14.65
CA LEU E 48 -2.53 20.94 15.59
C LEU E 48 -3.63 20.45 16.53
N ARG E 49 -4.08 19.21 16.34
CA ARG E 49 -5.14 18.64 17.17
C ARG E 49 -4.72 18.48 18.64
N ASP E 50 -5.60 18.90 19.53
CA ASP E 50 -5.35 18.79 20.96
C ASP E 50 -6.25 17.67 21.47
N PRO E 51 -5.65 16.57 21.97
CA PRO E 51 -6.46 15.44 22.45
C PRO E 51 -7.24 15.75 23.73
N GLU E 52 -6.69 16.62 24.58
CA GLU E 52 -7.34 16.99 25.85
C GLU E 52 -8.56 17.90 25.66
N LYS E 53 -8.77 18.35 24.43
CA LYS E 53 -9.87 19.26 24.10
C LYS E 53 -10.43 18.89 22.74
N ALA E 54 -11.57 18.20 22.71
CA ALA E 54 -12.20 17.81 21.44
C ALA E 54 -13.61 17.26 21.64
N SER E 55 -14.39 17.29 20.57
CA SER E 55 -15.75 16.78 20.59
C SER E 55 -16.22 16.37 19.20
N GLN E 56 -17.47 15.92 19.11
CA GLN E 56 -18.10 15.56 17.84
C GLN E 56 -19.41 16.30 17.68
N GLU E 57 -19.54 17.41 18.39
CA GLU E 57 -20.79 18.15 18.45
C GLU E 57 -20.88 19.09 17.25
N ASP E 58 -22.01 19.03 16.55
CA ASP E 58 -22.24 19.90 15.40
C ASP E 58 -21.34 19.48 14.23
N LYS E 59 -21.42 18.19 13.88
CA LYS E 59 -20.68 17.67 12.74
C LYS E 59 -21.52 16.67 11.95
N SER E 60 -21.32 16.66 10.63
CA SER E 60 -21.92 15.68 9.77
C SER E 60 -21.35 14.29 10.05
N LEU E 61 -22.01 13.28 9.50
CA LEU E 61 -21.56 11.90 9.61
C LEU E 61 -20.11 11.76 9.17
N TYR E 62 -19.79 12.31 8.00
CA TYR E 62 -18.42 12.20 7.45
C TYR E 62 -17.39 13.00 8.24
N GLU E 63 -17.76 14.17 8.76
CA GLU E 63 -16.86 14.92 9.65
C GLU E 63 -16.58 14.17 10.97
N GLN E 64 -17.61 13.53 11.52
CA GLN E 64 -17.47 12.77 12.76
C GLN E 64 -16.56 11.58 12.53
N ALA E 65 -16.86 10.85 11.46
CA ALA E 65 -16.06 9.72 11.01
C ALA E 65 -14.61 10.14 10.79
N PHE E 66 -14.41 11.22 10.05
CA PHE E 66 -13.07 11.72 9.77
C PHE E 66 -12.32 12.08 11.06
N SER E 67 -12.99 12.81 11.94
CA SER E 67 -12.43 13.25 13.21
C SER E 67 -12.09 12.08 14.16
N SER E 68 -12.98 11.09 14.20
CA SER E 68 -12.82 9.94 15.10
C SER E 68 -11.78 8.92 14.62
N LEU E 69 -11.64 8.79 13.30
CA LEU E 69 -10.77 7.79 12.67
C LEU E 69 -9.30 8.20 12.51
N THR E 70 -9.04 9.49 12.28
CA THR E 70 -7.70 10.00 11.96
C THR E 70 -6.87 10.23 13.23
N PRO E 71 -5.54 10.40 13.08
CA PRO E 71 -4.72 10.66 14.25
C PRO E 71 -5.29 11.77 15.13
N ARG E 72 -5.38 11.52 16.43
CA ARG E 72 -6.01 12.48 17.36
C ARG E 72 -5.01 13.48 17.92
N GLU E 73 -3.73 13.29 17.59
CA GLU E 73 -2.67 14.20 18.00
C GLU E 73 -1.42 13.90 17.20
N ALA E 74 -0.47 14.82 17.24
CA ALA E 74 0.79 14.72 16.48
C ALA E 74 1.54 13.39 16.61
N GLU E 75 1.60 12.83 17.79
CA GLU E 75 2.35 11.60 18.00
C GLU E 75 1.75 10.39 17.27
N GLU E 76 0.47 10.47 16.89
CA GLU E 76 -0.19 9.38 16.17
C GLU E 76 -0.05 9.43 14.65
N LEU E 77 0.56 10.48 14.11
CA LEU E 77 0.72 10.62 12.67
C LEU E 77 1.47 9.43 12.07
N PRO E 78 1.04 8.95 10.88
CA PRO E 78 1.73 7.82 10.26
C PRO E 78 3.03 8.25 9.57
N LEU E 79 3.92 7.30 9.31
CA LEU E 79 5.14 7.58 8.52
C LEU E 79 4.75 7.80 7.06
N SER E 80 5.51 8.61 6.35
CA SER E 80 5.27 8.87 4.94
C SER E 80 5.51 7.58 4.11
N LYS E 81 6.31 6.66 4.65
CA LYS E 81 6.65 5.38 4.02
C LYS E 81 7.21 4.37 5.05
N MSE E 82 7.12 3.08 4.72
CA MSE E 82 7.47 1.94 5.61
C MSE E 82 6.36 1.64 6.65
O MSE E 82 5.93 0.49 6.74
CB MSE E 82 8.88 2.06 6.25
CG MSE E 82 10.04 1.57 5.33
SE MSE E 82 11.89 1.61 6.09
CE MSE E 82 12.03 -0.22 6.78
N ASN E 83 5.91 2.66 7.40
CA ASN E 83 4.80 2.56 8.37
CA ASN E 83 4.79 2.54 8.35
C ASN E 83 4.26 1.12 8.53
N LEU E 84 3.65 0.56 7.49
CA LEU E 84 3.19 -0.87 7.39
C LEU E 84 2.88 -1.62 8.71
N GLY E 85 1.60 -1.67 9.06
CA GLY E 85 1.18 -2.04 10.42
C GLY E 85 1.37 -0.88 11.39
N GLY E 86 2.43 -0.10 11.16
CA GLY E 86 3.00 0.83 12.15
C GLY E 86 4.44 0.44 12.49
N ILE E 87 5.06 -0.40 11.64
CA ILE E 87 6.37 -1.02 11.92
C ILE E 87 7.56 -0.19 11.44
N GLY E 88 7.39 0.45 10.29
CA GLY E 88 8.30 1.48 9.83
C GLY E 88 8.42 2.58 10.89
N LYS E 89 7.27 3.05 11.34
CA LYS E 89 7.20 4.05 12.39
C LYS E 89 7.77 3.51 13.71
N LYS E 90 7.40 2.28 14.05
CA LYS E 90 7.90 1.66 15.26
C LYS E 90 9.45 1.65 15.24
N MSE E 91 9.99 1.28 14.08
CA MSE E 91 11.43 1.21 13.88
C MSE E 91 12.12 2.58 14.03
O MSE E 91 13.09 2.71 14.78
CB MSE E 91 11.73 0.64 12.51
CG MSE E 91 13.16 0.61 12.21
SE MSE E 91 13.55 -0.53 10.74
CE MSE E 91 15.34 -1.03 11.25
N LEU E 92 11.60 3.57 13.30
CA LEU E 92 12.12 4.94 13.40
C LEU E 92 12.10 5.45 14.85
N LEU E 93 10.99 5.22 15.55
CA LEU E 93 10.86 5.68 16.93
C LEU E 93 11.88 5.06 17.87
N GLU E 94 12.18 3.78 17.68
CA GLU E 94 13.16 3.12 18.52
CA GLU E 94 13.16 3.09 18.50
C GLU E 94 14.57 3.60 18.17
N MSE E 95 14.83 3.84 16.88
CA MSE E 95 16.13 4.40 16.48
C MSE E 95 16.35 5.78 17.07
O MSE E 95 17.46 6.11 17.51
CB MSE E 95 16.27 4.42 14.95
CG MSE E 95 16.42 3.02 14.34
SE MSE E 95 16.31 3.12 12.40
CE MSE E 95 18.16 3.26 11.98
N MSE E 96 15.29 6.59 17.12
CA MSE E 96 15.35 7.91 17.73
C MSE E 96 15.51 7.82 19.24
O MSE E 96 16.26 8.59 19.84
CB MSE E 96 14.10 8.72 17.38
CG MSE E 96 14.00 9.04 15.91
SE MSE E 96 12.26 9.85 15.49
CE MSE E 96 12.71 11.57 16.27
N LYS E 97 14.80 6.88 19.86
CA LYS E 97 14.91 6.66 21.30
C LYS E 97 16.36 6.31 21.67
N GLU E 98 16.98 5.41 20.90
CA GLU E 98 18.42 5.10 21.04
C GLU E 98 19.35 6.31 20.94
N GLU E 99 19.05 7.26 20.06
CA GLU E 99 19.87 8.49 19.94
C GLU E 99 19.45 9.57 20.91
N LYS E 100 18.40 9.32 21.69
CA LYS E 100 17.72 10.37 22.46
C LYS E 100 17.34 11.57 21.59
N ALA E 101 16.97 11.29 20.34
CA ALA E 101 16.39 12.31 19.47
C ALA E 101 14.96 12.54 19.98
N PRO E 102 14.58 13.80 20.19
CA PRO E 102 13.25 14.04 20.76
C PRO E 102 12.10 13.63 19.83
N LYS E 103 11.02 13.14 20.44
CA LYS E 103 9.81 12.76 19.70
C LYS E 103 9.13 13.97 19.09
N LEU E 104 8.27 13.71 18.11
CA LEU E 104 7.50 14.77 17.50
C LEU E 104 6.75 15.64 18.53
N SER E 105 6.12 15.01 19.52
CA SER E 105 5.31 15.79 20.48
C SER E 105 6.19 16.70 21.35
N ASP E 106 7.42 16.25 21.65
CA ASP E 106 8.44 17.08 22.35
C ASP E 106 8.85 18.31 21.53
N LEU E 107 9.18 18.09 20.26
CA LEU E 107 9.49 19.20 19.34
C LEU E 107 8.33 20.18 19.20
N LEU E 108 7.10 19.65 19.23
CA LEU E 108 5.92 20.50 19.10
C LEU E 108 5.70 21.35 20.35
N SER E 109 5.93 20.76 21.53
CA SER E 109 5.90 21.51 22.78
C SER E 109 6.97 22.59 22.73
N GLY E 110 8.16 22.21 22.29
CA GLY E 110 9.26 23.17 22.14
C GLY E 110 8.88 24.32 21.22
N ALA E 111 8.31 24.00 20.06
CA ALA E 111 7.89 25.02 19.09
C ALA E 111 6.83 25.94 19.68
N ARG E 112 5.91 25.39 20.46
CA ARG E 112 4.90 26.20 21.14
C ARG E 112 5.53 27.11 22.21
N LYS E 113 6.50 26.57 22.96
CA LYS E 113 7.20 27.34 24.00
C LYS E 113 8.07 28.44 23.40
N LYS E 114 8.65 28.17 22.22
CA LYS E 114 9.47 29.16 21.52
C LYS E 114 8.64 30.13 20.67
N GLU E 115 7.32 29.98 20.74
CA GLU E 115 6.39 30.85 20.02
C GLU E 115 6.59 30.87 18.50
N VAL E 116 6.78 29.68 17.93
CA VAL E 116 6.49 29.47 16.51
C VAL E 116 5.03 29.86 16.35
N LYS E 117 4.67 30.49 15.24
CA LYS E 117 3.30 30.90 15.02
C LYS E 117 2.60 29.85 14.14
N PHE E 118 1.61 29.16 14.73
CA PHE E 118 0.87 28.10 14.05
C PHE E 118 -0.47 28.61 13.54
N TYR E 119 -0.72 28.42 12.26
CA TYR E 119 -1.97 28.82 11.64
C TYR E 119 -2.65 27.61 11.00
N ALA E 120 -3.99 27.66 10.97
CA ALA E 120 -4.79 26.61 10.36
C ALA E 120 -5.52 27.19 9.15
N OCS E 121 -5.27 26.60 7.99
CA OCS E 121 -5.94 26.98 6.75
CB OCS E 121 -5.43 26.13 5.59
SG OCS E 121 -6.22 26.47 4.01
C OCS E 121 -7.45 26.85 6.89
O OCS E 121 -7.97 25.77 7.14
OD1 OCS E 121 -7.24 25.49 3.83
OD2 OCS E 121 -5.30 26.41 2.93
OD3 OCS E 121 -6.81 27.76 4.03
N GLN E 122 -8.15 27.97 6.72
CA GLN E 122 -9.58 28.07 7.00
C GLN E 122 -10.42 27.11 6.16
N LEU E 123 -10.15 27.03 4.86
CA LEU E 123 -10.88 26.13 3.97
C LEU E 123 -10.73 24.66 4.40
N SER E 124 -9.49 24.23 4.67
CA SER E 124 -9.23 22.87 5.16
C SER E 124 -10.00 22.58 6.43
N VAL E 125 -9.94 23.51 7.36
CA VAL E 125 -10.67 23.39 8.62
C VAL E 125 -12.16 23.17 8.40
N GLU E 126 -12.73 23.95 7.47
CA GLU E 126 -14.15 23.82 7.11
C GLU E 126 -14.44 22.47 6.45
N ILE E 127 -13.62 22.10 5.48
CA ILE E 127 -13.79 20.79 4.82
C ILE E 127 -13.72 19.65 5.86
N MSE E 128 -12.66 19.62 6.65
CA MSE E 128 -12.43 18.47 7.55
C MSE E 128 -13.34 18.47 8.78
O MSE E 128 -13.52 17.43 9.42
CB MSE E 128 -10.94 18.40 7.93
CG MSE E 128 -10.12 17.95 6.75
SE MSE E 128 -8.20 18.11 6.94
CE MSE E 128 -7.77 17.16 5.29
N GLY E 129 -13.93 19.63 9.07
CA GLY E 129 -14.92 19.73 10.13
C GLY E 129 -14.37 20.07 11.49
N PHE E 130 -13.11 20.47 11.55
CA PHE E 130 -12.48 20.79 12.83
C PHE E 130 -12.92 22.14 13.33
N LYS E 131 -13.19 22.22 14.63
CA LYS E 131 -13.47 23.50 15.26
CA LYS E 131 -13.47 23.49 15.27
C LYS E 131 -12.26 23.96 16.08
N LYS E 132 -12.23 25.25 16.36
CA LYS E 132 -11.14 25.92 17.08
C LYS E 132 -10.72 25.21 18.35
N GLU E 133 -11.70 24.80 19.15
CA GLU E 133 -11.43 24.18 20.44
C GLU E 133 -10.79 22.79 20.32
N GLU E 134 -10.90 22.18 19.14
CA GLU E 134 -10.25 20.90 18.86
C GLU E 134 -8.75 21.05 18.52
N LEU E 135 -8.32 22.28 18.26
CA LEU E 135 -6.92 22.58 18.01
C LEU E 135 -6.29 23.24 19.24
N PHE E 136 -4.96 23.22 19.35
CA PHE E 136 -4.24 23.93 20.45
C PHE E 136 -4.70 25.36 20.56
N PRO E 137 -4.82 25.89 21.79
CA PRO E 137 -5.42 27.22 21.93
C PRO E 137 -4.74 28.35 21.15
N GLU E 138 -3.41 28.35 21.02
CA GLU E 138 -2.70 29.46 20.35
C GLU E 138 -2.82 29.46 18.83
N VAL E 139 -3.40 28.41 18.26
CA VAL E 139 -3.61 28.35 16.81
C VAL E 139 -4.61 29.42 16.37
N GLN E 140 -4.29 30.12 15.28
CA GLN E 140 -5.24 31.03 14.65
C GLN E 140 -5.64 30.52 13.27
N ILE E 141 -6.90 30.72 12.91
CA ILE E 141 -7.39 30.35 11.60
C ILE E 141 -7.05 31.47 10.63
N MSE E 142 -6.45 31.10 9.49
CA MSE E 142 -5.90 32.00 8.48
CA MSE E 142 -6.03 32.05 8.47
C MSE E 142 -6.40 31.50 7.11
O MSE E 142 -6.36 30.27 6.87
CB MSE E 142 -4.35 31.95 8.59
CB MSE E 142 -4.53 32.28 8.51
CG MSE E 142 -3.48 32.53 7.43
CG MSE E 142 -4.03 32.90 9.79
SE MSE E 142 -1.47 32.29 7.58
SE MSE E 142 -4.79 34.64 10.21
CE MSE E 142 -1.07 33.89 8.63
CE MSE E 142 -3.55 35.78 9.20
N ASP E 143 -6.84 32.39 6.21
CA ASP E 143 -7.18 31.97 4.86
CA ASP E 143 -7.18 32.00 4.85
C ASP E 143 -5.96 32.05 3.94
N VAL E 144 -6.09 31.51 2.73
CA VAL E 144 -4.95 31.40 1.82
C VAL E 144 -4.37 32.73 1.38
N LYS E 145 -5.16 33.79 1.36
CA LYS E 145 -4.65 35.12 1.03
C LYS E 145 -3.76 35.66 2.15
N GLU E 146 -4.11 35.35 3.39
CA GLU E 146 -3.23 35.67 4.51
C GLU E 146 -1.95 34.86 4.47
N TYR E 147 -2.04 33.58 4.12
CA TYR E 147 -0.84 32.77 3.85
C TYR E 147 0.04 33.46 2.81
N LEU E 148 -0.54 33.79 1.66
CA LEU E 148 0.23 34.39 0.55
C LEU E 148 0.94 35.69 0.92
N LYS E 149 0.23 36.57 1.62
CA LYS E 149 0.81 37.82 2.09
C LYS E 149 2.02 37.53 2.95
N ASN E 150 1.84 36.63 3.92
CA ASN E 150 2.91 36.26 4.85
C ASN E 150 4.09 35.62 4.12
N ALA E 151 3.79 34.68 3.23
CA ALA E 151 4.81 34.01 2.41
C ALA E 151 5.60 35.01 1.59
N LEU E 152 4.92 35.99 1.01
CA LEU E 152 5.58 36.99 0.17
C LEU E 152 6.51 37.91 0.98
N GLU E 153 6.24 38.06 2.26
CA GLU E 153 7.09 38.88 3.15
C GLU E 153 8.21 38.09 3.82
N SER E 154 8.26 36.76 3.59
CA SER E 154 9.28 35.92 4.23
C SER E 154 10.57 35.84 3.43
N ASP E 155 11.64 35.38 4.07
CA ASP E 155 12.91 35.15 3.38
C ASP E 155 13.14 33.70 2.95
N LEU E 156 12.45 32.77 3.61
CA LEU E 156 12.52 31.35 3.29
C LEU E 156 11.09 30.81 3.28
N GLN E 157 10.69 30.23 2.16
CA GLN E 157 9.33 29.69 1.98
C GLN E 157 9.41 28.24 1.45
N LEU E 158 8.76 27.32 2.15
CA LEU E 158 8.77 25.92 1.74
C LEU E 158 7.36 25.32 1.81
N PHE E 159 7.17 24.27 1.02
CA PHE E 159 5.95 23.48 1.03
C PHE E 159 6.36 22.04 1.37
N ILE E 160 5.82 21.53 2.47
CA ILE E 160 6.21 20.24 3.02
C ILE E 160 4.99 19.33 3.02
N ASN F 4 3.00 43.36 -9.75
CA ASN F 4 4.30 43.44 -9.02
C ASN F 4 4.90 42.06 -8.69
N LYS F 5 4.17 41.23 -7.95
CA LYS F 5 4.74 40.00 -7.39
C LYS F 5 4.53 38.81 -8.31
N LYS F 6 5.43 37.84 -8.20
CA LYS F 6 5.36 36.63 -9.03
C LYS F 6 5.53 35.37 -8.17
N MSE F 7 4.71 34.36 -8.48
CA MSE F 7 4.77 33.07 -7.77
C MSE F 7 5.02 31.98 -8.79
O MSE F 7 4.41 31.95 -9.85
CB MSE F 7 3.45 32.80 -7.03
CG MSE F 7 3.38 31.42 -6.40
SE MSE F 7 1.85 31.23 -5.23
CE MSE F 7 0.54 30.86 -6.59
N ASN F 8 5.91 31.06 -8.44
CA ASN F 8 6.21 29.90 -9.26
C ASN F 8 5.98 28.64 -8.44
N LEU F 9 5.10 27.78 -8.95
CA LEU F 9 4.87 26.46 -8.36
C LEU F 9 5.40 25.40 -9.31
N LEU F 10 6.24 24.50 -8.80
CA LEU F 10 6.60 23.31 -9.58
C LEU F 10 5.71 22.16 -9.12
N LEU F 11 4.76 21.77 -9.96
CA LEU F 11 3.85 20.70 -9.60
C LEU F 11 4.44 19.38 -10.11
N PHE F 12 5.11 18.67 -9.20
CA PHE F 12 5.67 17.35 -9.50
C PHE F 12 4.62 16.26 -9.25
N SER F 13 3.79 16.48 -8.23
CA SER F 13 2.86 15.46 -7.75
C SER F 13 1.61 15.40 -8.64
N GLY F 14 1.11 14.21 -8.92
CA GLY F 14 -0.15 14.04 -9.67
C GLY F 14 -1.23 13.52 -8.74
N ASP F 15 -1.31 14.07 -7.54
CA ASP F 15 -2.28 13.68 -6.56
C ASP F 15 -3.37 14.73 -6.49
N TYR F 16 -4.62 14.27 -6.39
CA TYR F 16 -5.78 15.16 -6.36
C TYR F 16 -5.65 16.26 -5.30
N ASP F 17 -5.37 15.85 -4.07
CA ASP F 17 -5.26 16.79 -2.95
C ASP F 17 -4.12 17.80 -3.09
N LYS F 18 -3.00 17.39 -3.66
CA LYS F 18 -1.89 18.32 -3.87
C LYS F 18 -2.19 19.27 -5.00
N ALA F 19 -2.75 18.75 -6.09
CA ALA F 19 -3.21 19.61 -7.17
C ALA F 19 -4.23 20.63 -6.65
N LEU F 20 -5.09 20.18 -5.75
CA LEU F 20 -6.13 21.03 -5.17
C LEU F 20 -5.48 22.20 -4.40
N ALA F 21 -4.53 21.89 -3.53
CA ALA F 21 -3.80 22.90 -2.75
C ALA F 21 -3.16 23.92 -3.68
N SER F 22 -2.50 23.43 -4.71
CA SER F 22 -1.79 24.29 -5.65
C SER F 22 -2.74 25.23 -6.40
N LEU F 23 -3.93 24.76 -6.77
CA LEU F 23 -4.85 25.63 -7.49
C LEU F 23 -5.65 26.55 -6.55
N ILE F 24 -5.87 26.15 -5.30
CA ILE F 24 -6.41 27.07 -4.28
C ILE F 24 -5.44 28.26 -4.12
N ILE F 25 -4.15 27.96 -3.96
CA ILE F 25 -3.15 29.02 -3.82
C ILE F 25 -3.05 29.86 -5.11
N ALA F 26 -2.98 29.20 -6.25
CA ALA F 26 -2.91 29.91 -7.54
C ALA F 26 -4.10 30.84 -7.86
N ASN F 27 -5.33 30.38 -7.62
CA ASN F 27 -6.52 31.21 -7.87
C ASN F 27 -6.56 32.43 -6.95
N ALA F 28 -6.16 32.22 -5.70
CA ALA F 28 -6.11 33.27 -4.69
C ALA F 28 -5.03 34.29 -5.05
N ALA F 29 -3.87 33.79 -5.46
CA ALA F 29 -2.78 34.64 -5.91
C ALA F 29 -3.21 35.51 -7.09
N ARG F 30 -3.91 34.92 -8.06
CA ARG F 30 -4.43 35.71 -9.18
C ARG F 30 -5.40 36.80 -8.72
N GLU F 31 -6.30 36.49 -7.81
CA GLU F 31 -7.22 37.50 -7.29
C GLU F 31 -6.50 38.68 -6.62
N MSE F 32 -5.31 38.43 -6.08
CA MSE F 32 -4.46 39.48 -5.51
C MSE F 32 -3.55 40.14 -6.56
O MSE F 32 -2.70 40.95 -6.21
CB MSE F 32 -3.60 38.89 -4.40
CG MSE F 32 -4.38 38.24 -3.27
SE MSE F 32 -3.21 37.28 -2.04
CE MSE F 32 -2.41 38.85 -1.17
N GLU F 33 -3.73 39.77 -7.83
CA GLU F 33 -2.95 40.32 -8.97
C GLU F 33 -1.48 39.89 -8.98
N ILE F 34 -1.18 38.75 -8.37
CA ILE F 34 0.15 38.13 -8.46
C ILE F 34 0.19 37.32 -9.75
N GLU F 35 1.30 37.42 -10.50
CA GLU F 35 1.53 36.56 -11.67
C GLU F 35 1.89 35.15 -11.22
N VAL F 36 1.14 34.16 -11.69
CA VAL F 36 1.36 32.76 -11.28
C VAL F 36 1.81 31.89 -12.46
N THR F 37 2.93 31.21 -12.27
CA THR F 37 3.45 30.24 -13.22
C THR F 37 3.40 28.86 -12.56
N ILE F 38 2.78 27.87 -13.21
CA ILE F 38 2.80 26.49 -12.70
C ILE F 38 3.51 25.62 -13.73
N PHE F 39 4.66 25.07 -13.32
CA PHE F 39 5.49 24.22 -14.14
C PHE F 39 5.20 22.78 -13.73
N CYS F 40 4.51 22.04 -14.61
CA CYS F 40 4.13 20.66 -14.33
C CYS F 40 5.17 19.70 -14.88
N ALA F 41 5.64 18.81 -14.01
CA ALA F 41 6.70 17.85 -14.32
C ALA F 41 6.30 16.47 -13.79
N PHE F 42 6.76 15.45 -14.48
CA PHE F 42 6.45 14.07 -14.17
C PHE F 42 4.94 13.87 -13.97
N TRP F 43 4.51 13.41 -12.78
CA TRP F 43 3.12 13.04 -12.53
C TRP F 43 2.19 14.26 -12.61
N GLY F 44 2.73 15.45 -12.34
CA GLY F 44 1.99 16.69 -12.44
C GLY F 44 1.44 17.01 -13.84
N LEU F 45 2.07 16.46 -14.89
CA LEU F 45 1.57 16.62 -16.25
C LEU F 45 0.14 16.12 -16.41
N LEU F 46 -0.22 15.12 -15.61
CA LEU F 46 -1.57 14.55 -15.69
C LEU F 46 -2.67 15.60 -15.43
N LEU F 47 -2.32 16.66 -14.70
CA LEU F 47 -3.25 17.75 -14.46
C LEU F 47 -3.69 18.42 -15.77
N LEU F 48 -2.77 18.45 -16.72
CA LEU F 48 -2.93 19.20 -17.95
C LEU F 48 -3.61 18.44 -19.11
N ARG F 49 -3.88 17.14 -18.92
CA ARG F 49 -4.47 16.32 -19.97
C ARG F 49 -5.90 16.74 -20.28
N ASP F 50 -6.17 16.87 -21.58
CA ASP F 50 -7.49 17.15 -22.10
C ASP F 50 -8.10 15.84 -22.59
N PRO F 51 -9.12 15.33 -21.88
CA PRO F 51 -9.66 14.00 -22.19
C PRO F 51 -10.24 13.89 -23.59
N GLU F 52 -10.83 14.97 -24.08
CA GLU F 52 -11.38 14.99 -25.45
C GLU F 52 -10.29 14.71 -26.48
N LYS F 53 -9.11 15.29 -26.26
CA LYS F 53 -8.06 15.31 -27.28
C LYS F 53 -7.04 14.16 -27.13
N ALA F 54 -7.40 13.13 -26.36
CA ALA F 54 -6.50 12.00 -26.15
C ALA F 54 -6.27 11.23 -27.44
N SER F 55 -5.09 10.61 -27.55
CA SER F 55 -4.71 9.83 -28.72
C SER F 55 -3.76 8.70 -28.32
N GLN F 56 -3.74 7.64 -29.11
CA GLN F 56 -2.77 6.57 -28.96
C GLN F 56 -1.90 6.44 -30.20
N GLU F 57 -2.05 7.38 -31.13
CA GLU F 57 -1.28 7.36 -32.38
C GLU F 57 0.15 7.81 -32.10
N ASP F 58 1.10 7.20 -32.81
CA ASP F 58 2.47 7.66 -32.79
C ASP F 58 3.08 7.52 -31.39
N LYS F 59 2.93 6.33 -30.81
CA LYS F 59 3.42 6.05 -29.45
C LYS F 59 3.95 4.63 -29.37
N SER F 60 4.95 4.43 -28.50
CA SER F 60 5.45 3.07 -28.21
C SER F 60 4.42 2.29 -27.39
N LEU F 61 4.64 0.98 -27.26
CA LEU F 61 3.81 0.13 -26.38
C LEU F 61 3.66 0.74 -24.99
N TYR F 62 4.80 1.04 -24.35
CA TYR F 62 4.80 1.59 -23.00
C TYR F 62 4.18 2.98 -22.90
N GLU F 63 4.40 3.83 -23.91
CA GLU F 63 3.68 5.11 -23.99
C GLU F 63 2.16 4.94 -24.15
N GLN F 64 1.73 4.02 -25.01
CA GLN F 64 0.30 3.74 -25.21
C GLN F 64 -0.34 3.23 -23.93
N ALA F 65 0.34 2.30 -23.28
CA ALA F 65 -0.11 1.72 -22.04
C ALA F 65 -0.19 2.79 -20.97
N PHE F 66 0.88 3.58 -20.86
CA PHE F 66 0.95 4.65 -19.86
C PHE F 66 -0.21 5.61 -20.04
N SER F 67 -0.42 6.06 -21.28
CA SER F 67 -1.52 6.99 -21.60
C SER F 67 -2.92 6.42 -21.37
N SER F 68 -3.07 5.14 -21.70
CA SER F 68 -4.33 4.43 -21.58
C SER F 68 -4.72 4.16 -20.13
N LEU F 69 -3.74 3.81 -19.29
CA LEU F 69 -3.98 3.36 -17.92
C LEU F 69 -4.09 4.49 -16.87
N THR F 70 -3.29 5.55 -17.00
CA THR F 70 -3.25 6.65 -16.02
C THR F 70 -4.47 7.56 -16.04
N PRO F 71 -4.64 8.42 -15.02
CA PRO F 71 -5.74 9.39 -15.05
C PRO F 71 -5.80 10.19 -16.36
N ARG F 72 -6.99 10.26 -16.97
CA ARG F 72 -7.17 10.90 -18.29
CA ARG F 72 -7.16 10.90 -18.28
C ARG F 72 -7.46 12.40 -18.16
N GLU F 73 -7.78 12.82 -16.95
CA GLU F 73 -8.01 14.23 -16.65
C GLU F 73 -7.84 14.46 -15.16
N ALA F 74 -7.77 15.73 -14.80
CA ALA F 74 -7.49 16.17 -13.44
C ALA F 74 -8.43 15.52 -12.42
N GLU F 75 -9.72 15.43 -12.74
CA GLU F 75 -10.70 14.94 -11.77
C GLU F 75 -10.49 13.46 -11.41
N GLU F 76 -9.72 12.75 -12.25
CA GLU F 76 -9.41 11.33 -12.03
C GLU F 76 -8.13 11.06 -11.20
N LEU F 77 -7.42 12.11 -10.78
CA LEU F 77 -6.20 11.95 -9.98
C LEU F 77 -6.52 11.26 -8.63
N PRO F 78 -5.66 10.35 -8.17
CA PRO F 78 -5.89 9.67 -6.88
C PRO F 78 -5.50 10.56 -5.70
N LEU F 79 -6.02 10.28 -4.50
CA LEU F 79 -5.50 10.97 -3.30
C LEU F 79 -4.04 10.59 -3.06
N SER F 80 -3.29 11.49 -2.43
CA SER F 80 -1.91 11.23 -2.04
C SER F 80 -1.83 10.13 -0.97
N LYS F 81 -2.91 9.97 -0.19
CA LYS F 81 -3.03 8.94 0.85
C LYS F 81 -4.53 8.73 1.20
N MSE F 82 -4.84 7.59 1.81
CA MSE F 82 -6.23 7.18 2.04
C MSE F 82 -7.01 6.89 0.73
O MSE F 82 -8.06 6.29 0.81
CB MSE F 82 -7.03 8.23 2.86
CG MSE F 82 -7.00 8.07 4.38
SE MSE F 82 -8.32 9.26 5.23
CE MSE F 82 -9.87 8.05 5.37
N ASN F 83 -6.52 7.32 -0.44
CA ASN F 83 -7.26 7.15 -1.71
C ASN F 83 -8.16 5.94 -1.66
N LEU F 84 -7.59 4.83 -1.14
CA LEU F 84 -8.30 3.58 -0.81
C LEU F 84 -8.89 2.88 -2.04
N GLY F 85 -8.24 3.09 -3.19
CA GLY F 85 -8.75 2.59 -4.47
C GLY F 85 -9.93 3.42 -4.96
N GLY F 86 -10.15 4.55 -4.30
CA GLY F 86 -11.33 5.37 -4.51
C GLY F 86 -12.00 5.75 -3.22
N ILE F 87 -11.86 4.93 -2.17
CA ILE F 87 -12.63 5.12 -0.93
C ILE F 87 -12.32 6.43 -0.19
N GLY F 88 -11.06 6.61 0.19
CA GLY F 88 -10.62 7.85 0.83
C GLY F 88 -10.81 9.08 -0.06
N LYS F 89 -10.61 8.90 -1.37
CA LYS F 89 -10.95 9.97 -2.31
C LYS F 89 -12.44 10.26 -2.30
N LYS F 90 -13.23 9.19 -2.24
CA LYS F 90 -14.67 9.34 -2.27
C LYS F 90 -15.14 10.11 -1.04
N MSE F 91 -14.59 9.79 0.11
CA MSE F 91 -14.87 10.52 1.35
C MSE F 91 -14.57 12.02 1.22
O MSE F 91 -15.44 12.85 1.52
CB MSE F 91 -14.05 9.91 2.49
CG MSE F 91 -14.30 10.53 3.81
SE MSE F 91 -13.60 9.40 5.23
CE MSE F 91 -14.66 10.10 6.70
N LEU F 92 -13.37 12.37 0.77
CA LEU F 92 -12.98 13.77 0.60
C LEU F 92 -13.91 14.51 -0.36
N LEU F 93 -14.30 13.85 -1.45
CA LEU F 93 -15.17 14.50 -2.44
C LEU F 93 -16.53 14.80 -1.83
N GLU F 94 -17.05 13.86 -1.07
CA GLU F 94 -18.29 14.06 -0.32
C GLU F 94 -18.20 15.18 0.71
N MSE F 95 -17.12 15.19 1.50
CA MSE F 95 -16.96 16.25 2.49
C MSE F 95 -16.86 17.61 1.81
O MSE F 95 -17.41 18.58 2.33
CB MSE F 95 -15.74 15.98 3.37
CG MSE F 95 -15.92 14.76 4.27
SE MSE F 95 -14.23 14.30 5.12
CE MSE F 95 -14.43 15.33 6.76
N MSE F 96 -16.22 17.68 0.65
CA MSE F 96 -16.15 18.91 -0.11
C MSE F 96 -17.51 19.28 -0.68
O MSE F 96 -17.93 20.44 -0.62
CB MSE F 96 -15.11 18.81 -1.24
CG MSE F 96 -13.66 18.83 -0.74
SE MSE F 96 -12.42 18.28 -2.15
CE MSE F 96 -12.65 19.80 -3.36
N LYS F 97 -18.23 18.28 -1.20
CA LYS F 97 -19.59 18.50 -1.72
C LYS F 97 -20.48 19.06 -0.62
N GLU F 98 -20.48 18.39 0.54
CA GLU F 98 -21.23 18.88 1.72
C GLU F 98 -20.97 20.34 1.99
N GLU F 99 -19.71 20.74 1.82
CA GLU F 99 -19.22 22.05 2.20
C GLU F 99 -19.33 23.06 1.05
N LYS F 100 -19.75 22.58 -0.12
CA LYS F 100 -19.77 23.37 -1.36
C LYS F 100 -18.36 23.86 -1.76
N ALA F 101 -17.33 23.11 -1.41
CA ALA F 101 -15.97 23.43 -1.84
C ALA F 101 -15.85 23.00 -3.30
N PRO F 102 -15.33 23.88 -4.17
CA PRO F 102 -15.25 23.50 -5.58
C PRO F 102 -14.28 22.35 -5.86
N LYS F 103 -14.67 21.49 -6.79
CA LYS F 103 -13.84 20.36 -7.22
C LYS F 103 -12.57 20.82 -7.93
N LEU F 104 -11.61 19.92 -8.03
CA LEU F 104 -10.35 20.19 -8.74
C LEU F 104 -10.61 20.70 -10.15
N SER F 105 -11.50 20.05 -10.89
CA SER F 105 -11.76 20.48 -12.28
C SER F 105 -12.35 21.89 -12.35
N ASP F 106 -13.14 22.29 -11.34
CA ASP F 106 -13.64 23.67 -11.23
C ASP F 106 -12.50 24.66 -10.99
N LEU F 107 -11.60 24.30 -10.08
CA LEU F 107 -10.45 25.14 -9.77
C LEU F 107 -9.51 25.27 -10.96
N LEU F 108 -9.40 24.20 -11.75
CA LEU F 108 -8.56 24.23 -12.94
C LEU F 108 -9.16 25.15 -14.01
N SER F 109 -10.46 25.07 -14.21
CA SER F 109 -11.13 26.01 -15.11
C SER F 109 -10.98 27.45 -14.64
N GLY F 110 -11.18 27.67 -13.34
CA GLY F 110 -10.91 28.96 -12.72
C GLY F 110 -9.51 29.50 -12.99
N ALA F 111 -8.49 28.68 -12.73
CA ALA F 111 -7.09 29.05 -12.96
C ALA F 111 -6.84 29.42 -14.42
N ARG F 112 -7.36 28.61 -15.34
CA ARG F 112 -7.26 28.92 -16.78
C ARG F 112 -7.93 30.24 -17.14
N LYS F 113 -9.14 30.45 -16.64
CA LYS F 113 -9.87 31.71 -16.87
C LYS F 113 -9.11 32.92 -16.34
N LYS F 114 -8.43 32.76 -15.20
CA LYS F 114 -7.68 33.84 -14.57
C LYS F 114 -6.27 33.98 -15.14
N GLU F 115 -5.95 33.13 -16.13
CA GLU F 115 -4.67 33.18 -16.85
C GLU F 115 -3.44 32.85 -16.00
N VAL F 116 -3.59 31.93 -15.06
CA VAL F 116 -2.44 31.22 -14.52
C VAL F 116 -1.69 30.67 -15.74
N LYS F 117 -0.36 30.80 -15.77
CA LYS F 117 0.43 30.27 -16.89
C LYS F 117 0.87 28.82 -16.62
N PHE F 118 0.37 27.89 -17.44
CA PHE F 118 0.66 26.46 -17.32
C PHE F 118 1.74 26.03 -18.31
N TYR F 119 2.76 25.38 -17.76
CA TYR F 119 3.87 24.88 -18.54
C TYR F 119 4.05 23.39 -18.27
N ALA F 120 4.46 22.66 -19.31
CA ALA F 120 4.70 21.24 -19.23
C ALA F 120 6.19 21.02 -19.45
N OCS F 121 6.82 20.35 -18.51
CA OCS F 121 8.24 20.03 -18.58
CB OCS F 121 8.65 19.27 -17.32
SG OCS F 121 10.38 18.78 -17.21
C OCS F 121 8.55 19.20 -19.84
O OCS F 121 7.95 18.14 -20.05
OD1 OCS F 121 10.49 17.43 -17.58
OD2 OCS F 121 10.86 18.94 -15.88
OD3 OCS F 121 11.18 19.62 -18.05
N GLN F 122 9.47 19.68 -20.67
CA GLN F 122 9.72 19.05 -21.97
C GLN F 122 10.20 17.62 -21.85
N LEU F 123 11.11 17.37 -20.91
CA LEU F 123 11.66 16.02 -20.75
C LEU F 123 10.58 15.03 -20.31
N SER F 124 9.76 15.41 -19.32
CA SER F 124 8.64 14.61 -18.86
C SER F 124 7.69 14.28 -20.00
N VAL F 125 7.32 15.30 -20.77
CA VAL F 125 6.43 15.10 -21.91
C VAL F 125 7.05 14.08 -22.88
N GLU F 126 8.35 14.19 -23.12
CA GLU F 126 9.02 13.25 -24.01
C GLU F 126 9.04 11.84 -23.42
N ILE F 127 9.40 11.72 -22.14
CA ILE F 127 9.46 10.40 -21.50
C ILE F 127 8.10 9.72 -21.52
N MSE F 128 7.08 10.45 -21.08
CA MSE F 128 5.73 9.88 -20.94
C MSE F 128 4.96 9.74 -22.26
O MSE F 128 3.95 9.04 -22.30
CB MSE F 128 4.93 10.69 -19.91
CG MSE F 128 5.47 10.47 -18.51
SE MSE F 128 4.78 11.73 -17.20
CE MSE F 128 5.33 10.73 -15.63
N GLY F 129 5.43 10.38 -23.32
CA GLY F 129 4.88 10.18 -24.64
C GLY F 129 3.68 11.05 -25.01
N PHE F 130 3.33 12.01 -24.15
CA PHE F 130 2.20 12.89 -24.42
C PHE F 130 2.50 13.88 -25.54
N LYS F 131 1.55 14.08 -26.44
CA LYS F 131 1.67 15.11 -27.47
C LYS F 131 1.11 16.42 -26.96
N LYS F 132 1.45 17.51 -27.65
CA LYS F 132 0.95 18.84 -27.33
C LYS F 132 -0.59 18.87 -27.37
N GLU F 133 -1.14 18.22 -28.38
CA GLU F 133 -2.58 18.23 -28.59
C GLU F 133 -3.36 17.41 -27.55
N GLU F 134 -2.66 16.59 -26.75
CA GLU F 134 -3.31 15.86 -25.67
C GLU F 134 -3.50 16.69 -24.40
N LEU F 135 -2.87 17.88 -24.35
CA LEU F 135 -2.95 18.76 -23.18
C LEU F 135 -3.80 19.98 -23.55
N PHE F 136 -4.21 20.76 -22.56
N PHE F 136 -4.24 20.75 -22.56
CA PHE F 136 -4.97 21.99 -22.80
CA PHE F 136 -5.04 21.94 -22.83
C PHE F 136 -4.26 22.82 -23.85
C PHE F 136 -4.30 22.87 -23.76
N PRO F 137 -5.02 23.52 -24.71
CA PRO F 137 -4.39 24.33 -25.77
C PRO F 137 -3.38 25.38 -25.30
N GLU F 138 -3.65 26.06 -24.19
CA GLU F 138 -2.79 27.19 -23.78
C GLU F 138 -1.54 26.74 -23.00
N VAL F 139 -1.44 25.44 -22.72
CA VAL F 139 -0.21 24.89 -22.15
C VAL F 139 0.94 25.16 -23.11
N GLN F 140 2.08 25.60 -22.58
CA GLN F 140 3.32 25.74 -23.33
C GLN F 140 4.36 24.76 -22.81
N ILE F 141 5.14 24.18 -23.71
CA ILE F 141 6.23 23.30 -23.33
C ILE F 141 7.47 24.12 -22.96
N MSE F 142 8.06 23.83 -21.79
CA MSE F 142 9.22 24.55 -21.31
CA MSE F 142 9.16 24.59 -21.19
C MSE F 142 10.22 23.56 -20.75
O MSE F 142 9.86 22.51 -20.22
CB MSE F 142 8.82 25.55 -20.24
CB MSE F 142 8.61 25.40 -19.97
CG MSE F 142 7.94 26.65 -20.77
CG MSE F 142 9.62 26.05 -18.96
SE MSE F 142 8.77 27.66 -22.20
SE MSE F 142 8.82 27.00 -17.36
CE MSE F 142 7.52 29.14 -22.36
CE MSE F 142 8.46 28.75 -18.15
N ASP F 143 11.50 23.86 -20.94
CA ASP F 143 12.53 22.97 -20.42
C ASP F 143 12.99 23.48 -19.06
N VAL F 144 13.81 22.69 -18.39
CA VAL F 144 14.18 22.97 -17.00
C VAL F 144 14.99 24.27 -16.82
N LYS F 145 15.73 24.68 -17.83
CA LYS F 145 16.45 25.98 -17.78
C LYS F 145 15.49 27.16 -17.78
N GLU F 146 14.39 27.02 -18.50
CA GLU F 146 13.34 28.02 -18.49
CA GLU F 146 13.31 28.00 -18.50
C GLU F 146 12.61 28.05 -17.15
N TYR F 147 12.39 26.88 -16.56
CA TYR F 147 11.86 26.80 -15.20
C TYR F 147 12.77 27.61 -14.27
N LEU F 148 14.06 27.31 -14.31
CA LEU F 148 15.04 27.93 -13.40
C LEU F 148 15.09 29.45 -13.52
N LYS F 149 15.14 29.94 -14.75
CA LYS F 149 15.04 31.38 -15.02
C LYS F 149 13.80 32.00 -14.40
N ASN F 150 12.64 31.41 -14.67
CA ASN F 150 11.37 31.89 -14.14
C ASN F 150 11.35 31.84 -12.60
N ALA F 151 11.76 30.71 -12.01
CA ALA F 151 11.81 30.56 -10.56
C ALA F 151 12.71 31.61 -9.91
N LEU F 152 13.88 31.84 -10.49
CA LEU F 152 14.81 32.86 -9.95
C LEU F 152 14.28 34.30 -10.03
N GLU F 153 13.40 34.59 -10.98
CA GLU F 153 12.77 35.91 -11.08
C GLU F 153 11.53 36.06 -10.16
N SER F 154 11.06 34.97 -9.57
CA SER F 154 9.82 35.00 -8.78
C SER F 154 10.08 35.41 -7.34
N ASP F 155 9.01 35.79 -6.64
CA ASP F 155 9.07 36.14 -5.22
C ASP F 155 8.69 35.00 -4.28
N LEU F 156 7.96 34.01 -4.79
CA LEU F 156 7.58 32.83 -4.01
C LEU F 156 7.74 31.60 -4.90
N GLN F 157 8.52 30.62 -4.44
CA GLN F 157 8.87 29.44 -5.22
C GLN F 157 8.57 28.21 -4.36
N LEU F 158 7.72 27.33 -4.84
CA LEU F 158 7.41 26.10 -4.11
C LEU F 158 7.51 24.87 -5.04
N PHE F 159 7.76 23.71 -4.44
CA PHE F 159 7.81 22.42 -5.12
C PHE F 159 6.72 21.57 -4.46
N ILE F 160 5.74 21.15 -5.25
CA ILE F 160 4.58 20.44 -4.74
C ILE F 160 4.54 19.01 -5.32
CL CL G . -9.01 -23.48 1.41
NA NA H . -22.58 -3.47 14.62
NA NA I . -10.65 -27.84 1.65
NA NA J . -7.94 -20.81 1.25
C1 GOL K . -23.31 -40.21 -9.30
O1 GOL K . -22.96 -40.36 -10.66
C2 GOL K . -23.22 -41.54 -8.58
O2 GOL K . -24.24 -42.39 -9.05
C3 GOL K . -23.38 -41.35 -7.07
O3 GOL K . -24.17 -40.21 -6.80
NA NA L . -6.76 -11.83 -23.29
C1 GOL M . -5.15 -16.85 0.34
C1 GOL M . -6.23 -16.13 2.18
O1 GOL M . -4.16 -17.84 0.53
O1 GOL M . -7.09 -16.31 3.27
C2 GOL M . -6.42 -17.22 1.09
C2 GOL M . -6.35 -17.30 1.22
O2 GOL M . -6.89 -18.49 0.71
O2 GOL M . -7.33 -18.24 1.62
C3 GOL M . -7.43 -16.14 0.73
C3 GOL M . -4.99 -17.96 1.15
O3 GOL M . -7.83 -16.31 -0.60
O3 GOL M . -4.09 -17.07 0.55
NA NA N . 16.44 -18.46 10.87
CL CL O . 9.02 23.79 -1.51
NA NA P . 21.08 5.83 15.18
NA NA Q . 10.72 28.18 -1.68
NA NA R . 8.05 21.14 -1.39
C1 GOL S . 5.35 18.27 -1.49
C1 GOL S . 7.59 16.28 -1.45
O1 GOL S . 4.56 17.23 -2.03
O1 GOL S . 8.09 15.99 -2.74
C2 GOL S . 6.59 17.71 -0.79
C2 GOL S . 6.56 17.42 -1.51
O2 GOL S . 7.58 18.71 -0.67
O2 GOL S . 7.17 18.61 -1.93
C3 GOL S . 7.14 16.51 -1.54
C3 GOL S . 6.01 17.61 -0.09
O3 GOL S . 7.77 16.90 -2.75
O3 GOL S . 6.92 17.14 0.88
C1 GOL T . 13.09 2.17 0.42
O1 GOL T . 11.71 1.89 0.46
C2 GOL T . 13.37 3.40 1.26
O2 GOL T . 12.93 3.12 2.58
C3 GOL T . 12.67 4.64 0.71
O3 GOL T . 13.56 5.53 0.08
NA NA U . -16.85 19.81 6.38
NA NA V . 8.60 8.33 -24.54
#